data_4E6W
#
_entry.id   4E6W
#
_cell.length_a   104.490
_cell.length_b   149.360
_cell.length_c   88.240
_cell.angle_alpha   90.00
_cell.angle_beta   124.21
_cell.angle_gamma   90.00
#
_symmetry.space_group_name_H-M   'C 1 2 1'
#
loop_
_entity.id
_entity.type
_entity.pdbx_description
1 polymer 'ClbP peptidase'
2 non-polymer 'M-AMINOPHENYLBORONIC ACID'
3 non-polymer 'PHOSPHATE ION'
4 water water
#
_entity_poly.entity_id   1
_entity_poly.type   'polypeptide(L)'
_entity_poly.pdbx_seq_one_letter_code
;ERLSTLIHQRMQEAKVPALSVSVTIKGVRQRFVYGVADVASQKANTLDTVYELGSMSKAFTGLVVQILIQEGRLRQGDDI
ITYLPEMRLNYQGKPASLTVADFLYHTSGLPFSTLARLENPMPGSAVAQQLRNENLLFAPGAKFSYASANYDVLGAVIEN
VTGKTFTEVIAERLTQPLGMSATVAVKGDEIIVNKASGYKLGFGKPVLFHAPLARNHVPAAYIHSTLPDMEIWIDAWLHR
KALPATLREAMSNSWRGNSDVPLAADNRILYASGWFIDQNQGPYISHGGQNPNFSSCIALRPDQQIGIVALANMNSNLIL
QLCADIDNYLRIGKY
;
_entity_poly.pdbx_strand_id   A,B,C
#
# COMPACT_ATOMS: atom_id res chain seq x y z
N GLU A 1 -24.26 -8.98 3.43
CA GLU A 1 -24.11 -9.94 2.28
C GLU A 1 -23.46 -9.24 1.09
N ARG A 2 -23.58 -7.92 1.11
CA ARG A 2 -23.05 -7.08 0.06
C ARG A 2 -21.84 -6.27 0.58
N LEU A 3 -20.82 -6.12 -0.25
CA LEU A 3 -19.65 -5.37 0.14
C LEU A 3 -20.07 -3.97 0.60
N SER A 4 -20.95 -3.34 -0.16
CA SER A 4 -21.48 -2.03 0.16
C SER A 4 -22.17 -2.03 1.52
N THR A 5 -22.93 -3.05 1.84
CA THR A 5 -23.46 -3.21 3.20
C THR A 5 -22.38 -3.27 4.25
N LEU A 6 -21.37 -4.11 4.01
CA LEU A 6 -20.24 -4.28 4.96
C LEU A 6 -19.56 -2.95 5.26
N ILE A 7 -19.17 -2.26 4.20
CA ILE A 7 -18.38 -1.05 4.38
C ILE A 7 -19.24 0.01 5.07
N HIS A 8 -20.47 0.17 4.58
CA HIS A 8 -21.36 1.16 5.17
C HIS A 8 -21.72 0.83 6.64
N GLN A 9 -21.96 -0.46 6.91
CA GLN A 9 -22.19 -0.92 8.28
C GLN A 9 -21.02 -0.53 9.19
N ARG A 10 -19.78 -0.85 8.77
CA ARG A 10 -18.57 -0.59 9.54
C ARG A 10 -18.34 0.90 9.69
N MET A 11 -18.63 1.67 8.66
CA MET A 11 -18.53 3.12 8.85
C MET A 11 -19.48 3.66 9.92
N GLN A 12 -20.73 3.18 9.96
CA GLN A 12 -21.65 3.62 11.02
C GLN A 12 -21.13 3.15 12.37
N GLU A 13 -20.67 1.91 12.46
CA GLU A 13 -20.17 1.44 13.75
C GLU A 13 -19.03 2.32 14.24
N ALA A 14 -18.14 2.73 13.34
CA ALA A 14 -16.94 3.48 13.73
C ALA A 14 -17.20 4.96 14.05
N LYS A 15 -18.32 5.52 13.57
CA LYS A 15 -18.66 6.93 13.82
C LYS A 15 -17.66 7.90 13.19
N VAL A 16 -17.02 7.49 12.09
CA VAL A 16 -16.17 8.40 11.34
C VAL A 16 -17.00 9.35 10.49
N PRO A 17 -16.67 10.65 10.55
CA PRO A 17 -17.45 11.59 9.76
C PRO A 17 -17.31 11.31 8.25
N ALA A 18 -16.12 10.99 7.77
CA ALA A 18 -15.90 10.67 6.34
C ALA A 18 -15.14 9.35 6.23
N LEU A 19 -15.53 8.53 5.26
CA LEU A 19 -14.79 7.32 4.97
C LEU A 19 -14.67 7.20 3.46
N SER A 20 -13.45 6.92 3.01
CA SER A 20 -13.18 6.65 1.62
C SER A 20 -12.47 5.30 1.47
N VAL A 21 -13.02 4.43 0.64
CA VAL A 21 -12.49 3.10 0.49
C VAL A 21 -12.40 2.79 -0.99
N SER A 22 -11.30 2.16 -1.37
CA SER A 22 -11.19 1.64 -2.72
C SER A 22 -10.77 0.16 -2.67
N VAL A 23 -11.43 -0.65 -3.48
CA VAL A 23 -11.18 -2.09 -3.47
C VAL A 23 -11.04 -2.59 -4.90
N THR A 24 -9.91 -3.23 -5.18
CA THR A 24 -9.67 -3.78 -6.51
C THR A 24 -9.41 -5.29 -6.44
N ILE A 25 -10.06 -6.03 -7.34
CA ILE A 25 -9.86 -7.48 -7.42
C ILE A 25 -9.96 -7.89 -8.87
N LYS A 26 -8.90 -8.52 -9.38
CA LYS A 26 -8.90 -9.07 -10.75
C LYS A 26 -9.19 -7.98 -11.77
N GLY A 27 -8.65 -6.80 -11.48
CA GLY A 27 -8.69 -5.62 -12.34
C GLY A 27 -10.07 -4.96 -12.36
N VAL A 28 -10.91 -5.28 -11.38
CA VAL A 28 -12.18 -4.63 -11.20
C VAL A 28 -12.14 -3.80 -9.89
N ARG A 29 -12.55 -2.54 -9.96
CA ARG A 29 -12.31 -1.65 -8.82
C ARG A 29 -13.57 -0.94 -8.47
N GLN A 30 -13.93 -1.00 -7.21
CA GLN A 30 -15.08 -0.25 -6.71
C GLN A 30 -14.63 0.76 -5.68
N ARG A 31 -15.29 1.93 -5.67
CA ARG A 31 -14.97 3.05 -4.77
C ARG A 31 -16.12 3.28 -3.81
N PHE A 32 -15.81 3.62 -2.57
CA PHE A 32 -16.89 3.90 -1.64
C PHE A 32 -16.51 5.19 -0.95
N VAL A 33 -17.24 6.26 -1.26
CA VAL A 33 -16.93 7.60 -0.70
C VAL A 33 -18.14 8.06 0.10
N TYR A 34 -17.98 8.19 1.42
CA TYR A 34 -19.08 8.50 2.31
C TYR A 34 -18.77 9.62 3.28
N GLY A 35 -19.82 10.29 3.77
CA GLY A 35 -19.69 11.27 4.83
C GLY A 35 -19.25 12.66 4.41
N VAL A 36 -18.92 13.47 5.41
CA VAL A 36 -18.50 14.85 5.20
C VAL A 36 -17.08 15.08 5.71
N ALA A 37 -16.25 15.72 4.90
CA ALA A 37 -14.89 16.03 5.30
C ALA A 37 -14.87 16.94 6.51
N ASP A 38 -15.76 17.94 6.51
CA ASP A 38 -15.94 18.81 7.65
C ASP A 38 -17.39 18.76 8.10
N VAL A 39 -17.61 18.53 9.40
CA VAL A 39 -18.98 18.42 9.93
C VAL A 39 -19.58 19.82 10.02
N ALA A 40 -18.79 20.77 10.51
CA ALA A 40 -19.33 22.09 10.87
C ALA A 40 -19.76 22.84 9.63
N SER A 41 -18.91 22.87 8.62
CA SER A 41 -19.23 23.57 7.38
C SER A 41 -19.99 22.72 6.34
N GLN A 42 -20.30 21.48 6.70
CA GLN A 42 -21.06 20.56 5.80
C GLN A 42 -20.36 20.27 4.44
N LYS A 43 -19.04 20.23 4.45
CA LYS A 43 -18.35 20.01 3.22
C LYS A 43 -18.27 18.47 3.01
N ALA A 44 -18.87 18.01 1.92
CA ALA A 44 -18.99 16.58 1.64
C ALA A 44 -17.65 15.93 1.29
N ASN A 45 -17.50 14.68 1.69
CA ASN A 45 -16.33 13.90 1.29
C ASN A 45 -16.36 13.70 -0.21
N THR A 46 -15.21 13.90 -0.86
CA THR A 46 -15.11 13.80 -2.31
C THR A 46 -13.80 13.15 -2.72
N LEU A 47 -13.75 12.63 -3.95
CA LEU A 47 -12.53 12.02 -4.42
C LEU A 47 -11.28 12.88 -4.18
N ASP A 48 -11.41 14.20 -4.17
CA ASP A 48 -10.27 15.06 -3.88
C ASP A 48 -9.96 15.30 -2.43
N THR A 49 -10.82 14.84 -1.54
CA THR A 49 -10.54 15.02 -0.12
C THR A 49 -9.18 14.44 0.26
N VAL A 50 -8.39 15.19 1.03
CA VAL A 50 -7.05 14.80 1.38
C VAL A 50 -7.04 14.33 2.82
N TYR A 51 -6.38 13.20 3.06
CA TYR A 51 -6.31 12.54 4.37
C TYR A 51 -4.87 12.30 4.80
N GLU A 52 -4.59 12.45 6.09
CA GLU A 52 -3.31 12.04 6.64
C GLU A 52 -3.17 10.53 6.59
N LEU A 53 -2.00 10.03 6.21
CA LEU A 53 -1.78 8.59 6.08
C LEU A 53 -1.27 7.91 7.36
N GLY A 54 -0.97 8.70 8.38
CA GLY A 54 -0.38 8.17 9.60
C GLY A 54 0.73 7.20 9.25
N SER A 55 0.73 6.02 9.87
CA SER A 55 1.84 5.09 9.74
C SER A 55 1.92 4.52 8.34
N MET A 56 0.90 4.76 7.53
CA MET A 56 0.91 4.29 6.17
C MET A 56 2.11 4.96 5.51
N SER A 57 2.39 6.18 5.94
CA SER A 57 3.49 6.93 5.36
C SER A 57 4.71 6.03 5.28
N LYS A 58 4.90 5.18 6.29
CA LYS A 58 6.15 4.40 6.43
C LYS A 58 6.53 3.60 5.18
N ALA A 59 5.55 3.09 4.45
CA ALA A 59 5.89 2.41 3.20
C ALA A 59 6.55 3.29 2.14
N PHE A 60 6.28 4.61 2.17
CA PHE A 60 6.88 5.55 1.21
C PHE A 60 8.32 5.74 1.66
N THR A 61 8.51 6.07 2.93
CA THR A 61 9.85 6.19 3.50
C THR A 61 10.69 4.94 3.26
N GLY A 62 10.08 3.77 3.49
CA GLY A 62 10.82 2.51 3.41
C GLY A 62 11.23 2.24 1.97
N LEU A 63 10.32 2.52 1.05
CA LEU A 63 10.61 2.29 -0.35
C LEU A 63 11.75 3.22 -0.80
N VAL A 64 11.74 4.46 -0.31
CA VAL A 64 12.81 5.37 -0.66
C VAL A 64 14.17 4.88 -0.16
N VAL A 65 14.23 4.47 1.11
CA VAL A 65 15.41 3.82 1.67
C VAL A 65 15.89 2.67 0.76
N GLN A 66 14.96 1.86 0.27
CA GLN A 66 15.31 0.70 -0.56
C GLN A 66 15.73 1.13 -1.94
N ILE A 67 15.21 2.26 -2.40
CA ILE A 67 15.70 2.86 -3.64
C ILE A 67 17.16 3.28 -3.47
N LEU A 68 17.50 3.91 -2.36
CA LEU A 68 18.88 4.34 -2.11
C LEU A 68 19.80 3.12 -2.01
N ILE A 69 19.38 2.10 -1.26
CA ILE A 69 20.08 0.82 -1.26
C ILE A 69 20.26 0.22 -2.66
N GLN A 70 19.23 0.17 -3.48
CA GLN A 70 19.38 -0.37 -4.81
C GLN A 70 20.43 0.41 -5.65
N GLU A 71 20.50 1.73 -5.48
CA GLU A 71 21.45 2.57 -6.23
C GLU A 71 22.85 2.49 -5.69
N GLY A 72 23.02 1.84 -4.55
CA GLY A 72 24.35 1.69 -3.99
C GLY A 72 24.73 2.78 -3.02
N ARG A 73 23.82 3.73 -2.76
CA ARG A 73 24.20 4.86 -1.89
C ARG A 73 24.10 4.59 -0.42
N LEU A 74 23.58 3.42 -0.07
CA LEU A 74 23.21 3.12 1.31
C LEU A 74 23.18 1.61 1.48
N ARG A 75 23.38 1.14 2.69
CA ARG A 75 23.19 -0.28 3.00
C ARG A 75 22.56 -0.46 4.36
N GLN A 76 21.67 -1.44 4.45
CA GLN A 76 21.01 -1.83 5.70
C GLN A 76 21.97 -2.01 6.82
N GLY A 77 23.14 -2.59 6.53
CA GLY A 77 24.11 -2.88 7.57
C GLY A 77 24.89 -1.66 8.08
N ASP A 78 24.77 -0.52 7.40
CA ASP A 78 25.52 0.68 7.77
C ASP A 78 25.23 1.11 9.19
N ASP A 79 26.28 1.54 9.87
CA ASP A 79 26.15 2.15 11.18
C ASP A 79 25.35 3.44 11.09
N ILE A 80 24.37 3.62 11.98
CA ILE A 80 23.50 4.81 11.91
C ILE A 80 24.35 6.07 12.11
N ILE A 81 25.43 5.91 12.89
CA ILE A 81 26.30 6.98 13.35
C ILE A 81 26.89 7.69 12.14
N THR A 82 27.04 7.01 11.01
CA THR A 82 27.60 7.69 9.87
C THR A 82 26.65 8.76 9.34
N TYR A 83 25.35 8.57 9.47
CA TYR A 83 24.38 9.52 8.92
C TYR A 83 23.85 10.46 9.97
N LEU A 84 23.75 9.98 11.20
CA LEU A 84 23.29 10.83 12.30
C LEU A 84 24.33 10.83 13.41
N PRO A 85 25.47 11.55 13.19
CA PRO A 85 26.63 11.49 14.09
C PRO A 85 26.24 11.89 15.50
N GLU A 86 25.37 12.87 15.61
CA GLU A 86 25.04 13.44 16.90
C GLU A 86 24.22 12.48 17.82
N MET A 87 23.47 11.56 17.21
CA MET A 87 22.53 10.69 17.94
C MET A 87 23.20 9.49 18.56
N ARG A 88 23.25 9.50 19.88
CA ARG A 88 23.93 8.48 20.65
C ARG A 88 22.93 7.90 21.65
N LEU A 89 22.79 6.58 21.63
CA LEU A 89 21.76 5.94 22.43
C LEU A 89 22.43 4.94 23.31
N ASN A 90 21.82 4.66 24.44
CA ASN A 90 22.40 3.79 25.43
C ASN A 90 21.52 2.58 25.72
N TYR A 91 22.17 1.45 25.98
CA TYR A 91 21.49 0.30 26.49
C TYR A 91 22.15 -0.08 27.79
N GLN A 92 21.36 -0.14 28.86
CA GLN A 92 21.93 -0.46 30.17
C GLN A 92 23.03 0.53 30.52
N GLY A 93 24.18 0.00 30.92
CA GLY A 93 25.34 0.81 31.28
C GLY A 93 25.98 1.65 30.19
N LYS A 94 26.08 1.10 28.98
CA LYS A 94 26.89 1.72 27.94
C LYS A 94 26.15 1.92 26.61
N PRO A 95 26.67 2.86 25.81
CA PRO A 95 26.07 3.23 24.53
C PRO A 95 26.03 2.05 23.56
N ALA A 96 24.95 1.99 22.78
CA ALA A 96 24.65 0.80 21.98
C ALA A 96 24.75 1.05 20.48
N SER A 97 25.23 0.05 19.76
CA SER A 97 25.56 0.20 18.36
C SER A 97 24.28 -0.04 17.54
N LEU A 98 23.94 0.89 16.63
CA LEU A 98 22.72 0.83 15.84
C LEU A 98 22.93 0.90 14.33
N THR A 99 22.16 0.14 13.58
CA THR A 99 22.26 0.13 12.14
C THR A 99 20.99 0.70 11.52
N VAL A 100 21.05 0.93 10.20
CA VAL A 100 19.93 1.41 9.41
C VAL A 100 18.78 0.39 9.44
N ALA A 101 19.12 -0.89 9.33
CA ALA A 101 18.16 -1.99 9.46
C ALA A 101 17.39 -1.97 10.80
N ASP A 102 18.02 -1.52 11.88
CA ASP A 102 17.30 -1.52 13.13
C ASP A 102 16.08 -0.60 13.09
N PHE A 103 16.17 0.49 12.32
CA PHE A 103 15.08 1.44 12.24
C PHE A 103 14.10 0.95 11.21
N LEU A 104 14.59 0.32 10.16
CA LEU A 104 13.69 -0.18 9.13
C LEU A 104 12.75 -1.22 9.71
N TYR A 105 13.28 -2.09 10.56
CA TYR A 105 12.50 -3.21 11.10
C TYR A 105 11.99 -3.08 12.54
N HIS A 106 12.18 -1.91 13.16
CA HIS A 106 11.72 -1.71 14.53
C HIS A 106 12.36 -2.69 15.50
N THR A 107 13.69 -2.80 15.37
CA THR A 107 14.45 -3.56 16.32
C THR A 107 15.43 -2.66 17.02
N SER A 108 15.08 -1.37 17.13
CA SER A 108 16.03 -0.39 17.66
C SER A 108 15.99 -0.32 19.17
N GLY A 109 14.81 -0.52 19.73
CA GLY A 109 14.65 -0.44 21.15
C GLY A 109 14.29 0.91 21.70
N LEU A 110 14.00 1.88 20.82
CA LEU A 110 13.57 3.20 21.27
C LEU A 110 12.38 3.17 22.22
N PRO A 111 12.47 3.88 23.37
CA PRO A 111 11.44 3.93 24.42
C PRO A 111 10.09 4.43 23.87
N PHE A 112 9.00 4.04 24.51
CA PHE A 112 7.65 4.36 24.04
C PHE A 112 7.38 5.86 24.00
N SER A 113 7.97 6.58 24.95
CA SER A 113 7.72 8.01 25.12
C SER A 113 8.14 8.80 23.87
N THR A 114 9.03 8.22 23.07
CA THR A 114 9.59 8.92 21.92
C THR A 114 8.54 9.35 20.91
N LEU A 115 7.54 8.50 20.65
CA LEU A 115 6.43 8.92 19.77
C LEU A 115 5.87 10.29 20.19
N ALA A 116 5.36 10.38 21.42
CA ALA A 116 4.83 11.63 21.97
C ALA A 116 5.85 12.77 21.96
N ARG A 117 7.13 12.40 21.89
CA ARG A 117 8.24 13.35 21.77
C ARG A 117 8.53 13.79 20.33
N LEU A 118 8.41 12.87 19.36
CA LEU A 118 8.58 13.22 17.94
C LEU A 118 7.35 13.90 17.35
N GLU A 119 6.21 13.74 18.02
CA GLU A 119 4.98 14.48 17.71
C GLU A 119 5.08 15.91 18.26
N ALA A 126 17.20 18.77 14.86
CA ALA A 126 17.21 17.48 14.15
C ALA A 126 16.78 16.33 15.06
N VAL A 127 16.36 15.21 14.45
CA VAL A 127 15.87 14.04 15.20
C VAL A 127 16.93 13.41 16.11
N ALA A 128 18.19 13.56 15.74
CA ALA A 128 19.30 12.94 16.48
C ALA A 128 19.64 13.64 17.80
N GLN A 129 19.61 14.97 17.78
CA GLN A 129 19.68 15.78 19.00
C GLN A 129 18.42 15.55 19.84
N GLN A 130 17.28 15.42 19.17
CA GLN A 130 16.03 15.01 19.80
C GLN A 130 16.20 13.71 20.62
N LEU A 131 16.75 12.67 20.02
CA LEU A 131 16.85 11.36 20.67
C LEU A 131 18.19 11.07 21.39
N ARG A 132 19.02 12.09 21.57
CA ARG A 132 20.28 11.92 22.28
C ARG A 132 20.03 11.54 23.74
N ASN A 133 20.82 10.59 24.24
CA ASN A 133 20.74 10.18 25.64
C ASN A 133 19.60 9.21 25.92
N GLU A 134 18.93 8.74 24.87
CA GLU A 134 17.81 7.82 25.01
C GLU A 134 18.25 6.47 25.56
N ASN A 135 17.40 5.87 26.40
CA ASN A 135 17.69 4.55 26.95
C ASN A 135 16.93 3.42 26.28
N LEU A 136 17.66 2.53 25.61
CA LEU A 136 17.03 1.47 24.82
C LEU A 136 16.28 0.46 25.68
N LEU A 137 15.13 0.03 25.18
CA LEU A 137 14.33 -1.00 25.83
C LEU A 137 14.97 -2.38 25.76
N PHE A 138 15.92 -2.55 24.86
CA PHE A 138 16.57 -3.85 24.66
C PHE A 138 17.77 -3.63 23.78
N ALA A 139 18.58 -4.67 23.55
CA ALA A 139 19.75 -4.50 22.71
C ALA A 139 19.32 -4.45 21.25
N PRO A 140 19.93 -3.56 20.44
CA PRO A 140 19.53 -3.47 19.05
C PRO A 140 19.49 -4.80 18.34
N GLY A 141 18.34 -5.17 17.78
CA GLY A 141 18.21 -6.40 17.04
C GLY A 141 17.53 -7.50 17.84
N ALA A 142 17.45 -7.35 19.15
CA ALA A 142 16.95 -8.42 20.00
C ALA A 142 15.47 -8.73 19.87
N LYS A 143 14.65 -7.72 19.59
CA LYS A 143 13.21 -7.92 19.55
C LYS A 143 12.55 -7.00 18.54
N PHE A 144 11.35 -7.36 18.11
CA PHE A 144 10.55 -6.46 17.34
C PHE A 144 9.67 -5.66 18.28
N SER A 145 9.84 -4.33 18.26
CA SER A 145 9.02 -3.40 19.01
C SER A 145 8.68 -2.16 18.18
N TYR A 146 7.41 -2.08 17.81
CA TYR A 146 6.97 -1.06 16.91
C TYR A 146 7.12 0.32 17.56
N ALA A 147 7.85 1.25 16.93
CA ALA A 147 7.95 2.63 17.38
C ALA A 147 7.95 3.57 16.18
N SER A 148 6.96 4.45 16.16
CA SER A 148 6.71 5.26 14.98
C SER A 148 7.97 6.04 14.64
N ALA A 149 8.71 6.41 15.68
CA ALA A 149 9.88 7.26 15.56
C ALA A 149 10.99 6.60 14.74
N ASN A 150 11.02 5.27 14.70
CA ASN A 150 12.03 4.60 13.93
C ASN A 150 12.09 5.16 12.49
N TYR A 151 10.94 5.49 11.89
CA TYR A 151 10.95 5.91 10.48
C TYR A 151 11.23 7.43 10.33
N ASP A 152 11.16 8.13 11.45
CA ASP A 152 11.63 9.52 11.49
C ASP A 152 13.14 9.55 11.37
N VAL A 153 13.82 8.70 12.14
CA VAL A 153 15.27 8.46 11.94
C VAL A 153 15.56 8.15 10.46
N LEU A 154 14.72 7.35 9.81
CA LEU A 154 14.96 7.06 8.39
C LEU A 154 14.75 8.25 7.48
N GLY A 155 13.80 9.13 7.83
CA GLY A 155 13.69 10.41 7.13
C GLY A 155 15.00 11.21 7.16
N ALA A 156 15.57 11.34 8.36
CA ALA A 156 16.84 12.06 8.51
C ALA A 156 17.97 11.39 7.73
N VAL A 157 17.99 10.06 7.72
CA VAL A 157 18.93 9.34 6.87
C VAL A 157 18.78 9.66 5.37
N ILE A 158 17.53 9.69 4.90
CA ILE A 158 17.27 9.97 3.49
C ILE A 158 17.75 11.39 3.17
N GLU A 159 17.53 12.32 4.09
CA GLU A 159 17.97 13.70 3.87
C GLU A 159 19.48 13.81 3.82
N ASN A 160 20.17 13.19 4.79
CA ASN A 160 21.62 13.24 4.83
C ASN A 160 22.29 12.59 3.60
N VAL A 161 21.74 11.49 3.10
CA VAL A 161 22.31 10.81 1.95
C VAL A 161 22.06 11.58 0.65
N THR A 162 20.81 12.00 0.49
CA THR A 162 20.37 12.80 -0.65
C THR A 162 20.94 14.21 -0.69
N GLY A 163 21.01 14.84 0.47
CA GLY A 163 21.35 16.25 0.57
C GLY A 163 20.13 17.10 0.26
N LYS A 164 18.96 16.47 0.17
CA LYS A 164 17.71 17.15 -0.18
C LYS A 164 16.79 17.07 1.00
N THR A 165 15.65 17.75 0.94
CA THR A 165 14.72 17.60 2.03
C THR A 165 13.87 16.36 1.81
N PHE A 166 13.30 15.87 2.88
CA PHE A 166 12.40 14.72 2.74
C PHE A 166 11.31 14.95 1.70
N THR A 167 10.65 16.11 1.76
CA THR A 167 9.63 16.42 0.76
C THR A 167 10.12 16.34 -0.68
N GLU A 168 11.32 16.85 -0.94
CA GLU A 168 11.81 16.86 -2.30
C GLU A 168 12.09 15.45 -2.76
N VAL A 169 12.61 14.61 -1.88
CA VAL A 169 12.95 13.24 -2.29
C VAL A 169 11.68 12.46 -2.63
N ILE A 170 10.67 12.60 -1.79
CA ILE A 170 9.42 11.86 -1.95
C ILE A 170 8.82 12.26 -3.27
N ALA A 171 8.81 13.57 -3.53
CA ALA A 171 8.26 14.05 -4.80
C ALA A 171 9.09 13.57 -5.97
N GLU A 172 10.40 13.72 -5.87
CA GLU A 172 11.22 13.45 -7.05
C GLU A 172 11.31 11.94 -7.34
N ARG A 173 11.61 11.17 -6.30
CA ARG A 173 11.65 9.71 -6.39
C ARG A 173 10.33 8.98 -6.61
N LEU A 174 9.27 9.40 -5.92
CA LEU A 174 8.03 8.62 -5.90
C LEU A 174 6.76 9.26 -6.49
N THR A 175 6.36 10.41 -5.95
CA THR A 175 5.08 11.03 -6.33
C THR A 175 5.01 11.52 -7.79
N GLN A 176 6.08 12.13 -8.24
CA GLN A 176 6.18 12.65 -9.63
C GLN A 176 6.25 11.52 -10.63
N PRO A 177 7.23 10.62 -10.47
CA PRO A 177 7.34 9.50 -11.42
C PRO A 177 6.07 8.66 -11.47
N LEU A 178 5.35 8.51 -10.33
CA LEU A 178 4.19 7.59 -10.30
C LEU A 178 2.94 8.31 -10.72
N GLY A 179 2.96 9.64 -10.69
CA GLY A 179 1.83 10.42 -11.22
C GLY A 179 0.85 10.71 -10.11
N MET A 180 1.32 10.68 -8.87
CA MET A 180 0.46 11.01 -7.74
C MET A 180 0.51 12.50 -7.46
N SER A 181 -0.40 13.24 -8.11
CA SER A 181 -0.45 14.69 -8.03
C SER A 181 -0.75 15.24 -6.63
N ALA A 182 -1.67 14.59 -5.93
CA ALA A 182 -2.20 15.14 -4.70
C ALA A 182 -1.48 14.60 -3.46
N THR A 183 -0.35 13.92 -3.67
CA THR A 183 0.38 13.31 -2.56
C THR A 183 1.63 14.09 -2.19
N VAL A 184 1.75 14.46 -0.92
CA VAL A 184 2.85 15.29 -0.49
C VAL A 184 3.28 14.99 0.93
N ALA A 185 4.60 15.07 1.18
CA ALA A 185 5.13 15.03 2.53
C ALA A 185 5.22 16.46 3.03
N VAL A 186 4.45 16.81 4.05
CA VAL A 186 4.29 18.21 4.45
C VAL A 186 5.55 18.71 5.15
N LYS A 187 6.04 19.86 4.72
CA LYS A 187 7.30 20.38 5.25
C LYS A 187 7.20 20.82 6.70
N GLY A 188 6.11 21.53 6.96
CA GLY A 188 5.84 22.16 8.24
C GLY A 188 4.37 22.48 8.14
N ASP A 189 3.75 22.94 9.23
CA ASP A 189 2.34 23.25 9.11
C ASP A 189 2.20 24.32 8.03
N GLU A 190 1.26 24.09 7.12
CA GLU A 190 0.91 24.99 6.04
C GLU A 190 -0.37 24.41 5.46
N ILE A 191 -1.21 25.27 4.89
CA ILE A 191 -2.53 24.82 4.49
C ILE A 191 -2.45 23.89 3.27
N ILE A 192 -3.18 22.78 3.35
CA ILE A 192 -3.36 21.89 2.20
C ILE A 192 -4.79 22.09 1.72
N VAL A 193 -4.92 22.47 0.45
CA VAL A 193 -6.21 22.56 -0.19
C VAL A 193 -6.82 21.15 -0.25
N ASN A 194 -8.08 21.05 0.16
CA ASN A 194 -8.83 19.79 0.10
C ASN A 194 -8.62 18.85 1.27
N LYS A 195 -7.84 19.28 2.26
CA LYS A 195 -7.62 18.46 3.44
C LYS A 195 -8.86 18.33 4.33
N ALA A 196 -9.31 17.10 4.54
CA ALA A 196 -10.43 16.84 5.42
C ALA A 196 -10.08 17.18 6.88
N SER A 197 -11.03 17.73 7.60
CA SER A 197 -10.84 18.03 9.02
C SER A 197 -10.70 16.74 9.81
N GLY A 198 -9.83 16.75 10.83
CA GLY A 198 -9.64 15.58 11.65
C GLY A 198 -10.37 15.61 12.98
N TYR A 199 -10.87 14.45 13.39
CA TYR A 199 -11.65 14.32 14.61
C TYR A 199 -11.06 13.30 15.58
N LYS A 200 -11.27 13.58 16.86
CA LYS A 200 -10.91 12.68 17.94
C LYS A 200 -12.19 12.23 18.64
N LEU A 201 -12.42 10.92 18.64
CA LEU A 201 -13.63 10.35 19.24
C LEU A 201 -13.71 10.53 20.75
N GLY A 202 -14.92 10.76 21.24
CA GLY A 202 -15.21 10.80 22.66
C GLY A 202 -15.36 12.16 23.32
N PHE A 203 -16.41 12.26 24.12
CA PHE A 203 -17.36 11.15 24.17
C PHE A 203 -17.98 10.98 22.79
N GLY A 204 -18.34 12.10 22.18
CA GLY A 204 -18.84 12.15 20.82
C GLY A 204 -17.79 12.95 20.11
N LYS A 205 -17.47 12.58 18.87
CA LYS A 205 -16.34 13.21 18.24
C LYS A 205 -16.42 14.66 17.79
N PRO A 206 -15.66 15.50 18.50
CA PRO A 206 -15.43 16.91 18.20
C PRO A 206 -14.06 17.10 17.53
N VAL A 207 -13.86 18.23 16.86
CA VAL A 207 -12.66 18.48 16.08
C VAL A 207 -11.35 18.52 16.87
N LEU A 208 -10.30 17.97 16.24
CA LEU A 208 -8.94 17.92 16.78
C LEU A 208 -7.95 18.60 15.82
N PHE A 209 -8.52 19.30 14.84
CA PHE A 209 -7.75 19.87 13.73
C PHE A 209 -6.56 20.78 14.01
N HIS A 210 -6.74 21.70 14.96
CA HIS A 210 -5.77 22.75 15.20
C HIS A 210 -4.31 22.41 15.42
N ALA A 211 -4.01 21.37 16.18
CA ALA A 211 -2.61 21.12 16.55
C ALA A 211 -1.66 21.10 15.34
N PRO A 212 -0.49 21.69 15.54
CA PRO A 212 0.53 21.88 14.47
C PRO A 212 1.36 20.62 14.23
N LEU A 213 1.74 20.36 12.98
CA LEU A 213 2.48 19.11 12.66
C LEU A 213 4.01 19.27 12.74
N ALA A 214 4.63 18.49 13.62
CA ALA A 214 6.09 18.43 13.72
C ALA A 214 6.75 17.94 12.41
N ARG A 215 7.62 18.77 11.83
CA ARG A 215 8.36 18.40 10.59
C ARG A 215 9.09 17.05 10.73
N ASN A 216 9.72 16.83 11.89
CA ASN A 216 10.52 15.64 12.16
C ASN A 216 9.78 14.33 12.07
N HIS A 217 8.47 14.39 12.36
CA HIS A 217 7.61 13.23 12.37
C HIS A 217 6.94 12.89 11.02
N VAL A 218 7.10 13.75 10.01
CA VAL A 218 6.41 13.53 8.74
C VAL A 218 6.65 12.16 8.10
N PRO A 219 7.90 11.67 8.11
CA PRO A 219 8.19 10.42 7.41
C PRO A 219 7.41 9.26 7.99
N ALA A 220 7.38 9.14 9.32
CA ALA A 220 6.62 8.05 9.94
C ALA A 220 5.10 8.13 9.76
N ALA A 221 4.51 9.29 10.05
CA ALA A 221 3.05 9.43 9.98
C ALA A 221 2.44 10.64 9.26
N TYR A 222 3.26 11.48 8.62
CA TYR A 222 2.73 12.74 8.10
C TYR A 222 2.47 12.93 6.60
N ILE A 223 2.67 11.89 5.80
CA ILE A 223 2.38 11.99 4.36
C ILE A 223 0.87 12.18 4.15
N HIS A 224 0.51 13.04 3.21
CA HIS A 224 -0.89 13.30 2.91
C HIS A 224 -1.24 12.73 1.54
N SER A 225 -2.45 12.20 1.40
CA SER A 225 -2.82 11.67 0.09
C SER A 225 -4.32 11.63 -0.13
N THR A 226 -4.71 11.13 -1.31
CA THR A 226 -6.11 11.06 -1.66
C THR A 226 -6.46 9.63 -2.02
N LEU A 227 -7.77 9.31 -2.11
CA LEU A 227 -8.17 8.01 -2.61
C LEU A 227 -7.59 7.65 -3.97
N PRO A 228 -7.79 8.51 -5.00
CA PRO A 228 -7.27 8.15 -6.33
C PRO A 228 -5.73 8.02 -6.36
N ASP A 229 -4.98 8.86 -5.64
CA ASP A 229 -3.52 8.63 -5.54
C ASP A 229 -3.16 7.29 -4.85
N MET A 230 -3.92 6.91 -3.83
CA MET A 230 -3.58 5.66 -3.13
C MET A 230 -3.91 4.51 -4.05
N GLU A 231 -4.86 4.73 -4.97
CA GLU A 231 -5.16 3.74 -5.94
C GLU A 231 -3.97 3.55 -6.86
N ILE A 232 -3.26 4.63 -7.14
CA ILE A 232 -2.13 4.56 -8.08
C ILE A 232 -1.00 3.85 -7.36
N TRP A 233 -0.83 4.19 -6.08
CA TRP A 233 0.21 3.57 -5.27
C TRP A 233 0.01 2.04 -5.28
N ILE A 234 -1.21 1.58 -4.96
CA ILE A 234 -1.57 0.15 -4.95
C ILE A 234 -1.26 -0.51 -6.32
N ASP A 235 -1.73 0.10 -7.40
CA ASP A 235 -1.53 -0.43 -8.74
C ASP A 235 -0.05 -0.52 -9.09
N ALA A 236 0.75 0.43 -8.59
CA ALA A 236 2.20 0.40 -8.78
C ALA A 236 2.86 -0.80 -8.07
N TRP A 237 2.47 -1.02 -6.81
CA TRP A 237 2.93 -2.21 -6.10
C TRP A 237 2.39 -3.52 -6.74
N LEU A 238 1.15 -3.52 -7.21
CA LEU A 238 0.56 -4.74 -7.79
C LEU A 238 1.11 -5.00 -9.19
N HIS A 239 1.43 -3.95 -9.95
CA HIS A 239 1.83 -4.09 -11.36
C HIS A 239 3.12 -3.41 -11.62
N ARG A 240 4.23 -4.12 -11.41
CA ARG A 240 5.57 -3.52 -11.42
C ARG A 240 6.32 -3.45 -12.77
N LYS A 241 5.79 -4.15 -13.77
CA LYS A 241 6.32 -4.06 -15.12
C LYS A 241 6.02 -2.64 -15.58
N ALA A 242 6.76 -2.16 -16.57
CA ALA A 242 6.70 -0.78 -16.97
C ALA A 242 7.24 0.18 -15.91
N LEU A 243 7.84 -0.40 -14.87
CA LEU A 243 8.46 0.36 -13.80
C LEU A 243 9.97 0.20 -14.03
N PRO A 244 10.70 1.28 -13.85
CA PRO A 244 12.14 1.24 -14.02
C PRO A 244 12.74 0.10 -13.19
N ALA A 245 13.84 -0.47 -13.67
CA ALA A 245 14.47 -1.59 -12.99
C ALA A 245 14.82 -1.27 -11.55
N THR A 246 15.36 -0.09 -11.28
CA THR A 246 15.73 0.23 -9.91
C THR A 246 14.52 0.24 -8.94
N LEU A 247 13.37 0.74 -9.41
CA LEU A 247 12.19 0.87 -8.57
C LEU A 247 11.54 -0.51 -8.39
N ARG A 248 11.70 -1.32 -9.40
CA ARG A 248 11.23 -2.67 -9.36
C ARG A 248 11.98 -3.50 -8.32
N GLU A 249 13.28 -3.40 -8.35
CA GLU A 249 14.11 -4.11 -7.40
C GLU A 249 13.92 -3.56 -5.99
N ALA A 250 13.74 -2.25 -5.86
CA ALA A 250 13.52 -1.65 -4.54
C ALA A 250 12.23 -2.17 -3.93
N MET A 251 11.21 -2.31 -4.78
CA MET A 251 9.92 -2.83 -4.39
C MET A 251 9.94 -4.31 -3.90
N SER A 252 10.57 -5.22 -4.67
CA SER A 252 10.81 -6.58 -4.18
C SER A 252 11.52 -6.61 -2.83
N ASN A 253 12.56 -5.81 -2.70
CA ASN A 253 13.30 -5.77 -1.44
C ASN A 253 12.50 -5.17 -0.29
N SER A 254 11.57 -4.29 -0.64
CA SER A 254 10.78 -3.64 0.39
C SER A 254 9.82 -4.62 1.07
N TRP A 255 9.49 -5.71 0.40
CA TRP A 255 8.48 -6.65 0.92
C TRP A 255 9.16 -7.82 1.61
N ARG A 256 10.45 -7.70 1.88
CA ARG A 256 11.16 -8.80 2.50
C ARG A 256 11.13 -8.62 4.01
N GLY A 257 10.43 -9.50 4.71
CA GLY A 257 10.30 -9.34 6.14
C GLY A 257 11.57 -9.67 6.93
N ASN A 258 11.75 -9.01 8.05
CA ASN A 258 12.86 -9.36 8.90
C ASN A 258 12.50 -10.56 9.77
N SER A 259 13.05 -11.74 9.44
CA SER A 259 12.82 -12.94 10.24
C SER A 259 13.68 -13.04 11.49
N ASP A 260 14.69 -12.18 11.63
CA ASP A 260 15.64 -12.33 12.72
C ASP A 260 15.20 -11.80 14.08
N VAL A 261 13.93 -12.01 14.45
CA VAL A 261 13.41 -11.54 15.74
C VAL A 261 12.55 -12.67 16.30
N PRO A 262 12.37 -12.71 17.61
CA PRO A 262 11.43 -13.62 18.27
C PRO A 262 9.99 -13.34 17.85
N LEU A 263 9.22 -14.42 17.67
CA LEU A 263 7.82 -14.38 17.25
C LEU A 263 6.97 -14.95 18.39
N ALA A 264 5.79 -14.40 18.61
CA ALA A 264 4.91 -14.87 19.66
C ALA A 264 4.20 -16.11 19.14
N ALA A 265 3.61 -16.86 20.05
CA ALA A 265 2.86 -18.09 19.72
C ALA A 265 1.73 -17.86 18.71
N ASP A 266 1.07 -16.70 18.81
CA ASP A 266 -0.07 -16.42 17.94
C ASP A 266 0.28 -15.39 16.87
N ASN A 267 1.54 -14.99 16.80
CA ASN A 267 1.98 -14.07 15.75
C ASN A 267 3.34 -14.44 15.18
N ARG A 268 3.36 -14.89 13.93
CA ARG A 268 4.62 -15.17 13.25
C ARG A 268 4.86 -14.19 12.10
N ILE A 269 4.04 -13.16 12.04
CA ILE A 269 4.10 -12.17 10.98
C ILE A 269 5.42 -11.39 11.09
N LEU A 270 5.98 -11.01 9.93
CA LEU A 270 7.19 -10.21 9.89
C LEU A 270 6.96 -8.74 9.48
N TYR A 271 7.88 -7.89 9.91
CA TYR A 271 7.90 -6.53 9.42
C TYR A 271 8.95 -6.34 8.31
N ALA A 272 8.49 -5.74 7.21
CA ALA A 272 9.30 -5.36 6.07
C ALA A 272 9.61 -3.86 6.16
N SER A 273 9.92 -3.25 5.03
CA SER A 273 10.19 -1.82 4.99
C SER A 273 8.86 -1.06 4.90
N GLY A 274 8.26 -0.87 6.06
CA GLY A 274 6.95 -0.20 6.22
C GLY A 274 5.75 -1.03 5.79
N TRP A 275 5.85 -2.35 5.93
CA TRP A 275 4.74 -3.27 5.70
C TRP A 275 4.82 -4.50 6.66
N PHE A 276 3.64 -5.05 7.03
CA PHE A 276 3.59 -6.35 7.72
C PHE A 276 3.42 -7.36 6.62
N ILE A 277 4.19 -8.45 6.71
CA ILE A 277 4.15 -9.52 5.66
C ILE A 277 3.60 -10.82 6.29
N ASP A 278 2.45 -11.26 5.83
CA ASP A 278 1.81 -12.43 6.42
C ASP A 278 1.71 -13.49 5.33
N GLN A 279 2.29 -14.68 5.57
CA GLN A 279 2.14 -15.81 4.62
C GLN A 279 0.79 -16.52 4.69
N ASN A 280 0.08 -16.45 5.82
CA ASN A 280 -1.19 -17.17 5.97
C ASN A 280 -2.26 -16.65 5.02
N GLN A 281 -2.85 -17.53 4.18
CA GLN A 281 -3.76 -17.14 3.11
C GLN A 281 -3.15 -15.97 2.39
N GLY A 282 -1.86 -16.05 2.14
CA GLY A 282 -1.11 -14.92 1.61
C GLY A 282 -0.23 -15.32 0.43
N PRO A 283 0.80 -14.52 0.11
CA PRO A 283 1.23 -13.29 0.78
C PRO A 283 0.11 -12.28 0.99
N TYR A 284 0.05 -11.74 2.20
CA TYR A 284 -0.98 -10.74 2.54
C TYR A 284 -0.17 -9.65 3.21
N ILE A 285 -0.03 -8.53 2.52
CA ILE A 285 0.79 -7.42 3.01
C ILE A 285 -0.08 -6.26 3.44
N SER A 286 0.10 -5.82 4.69
CA SER A 286 -0.77 -4.81 5.28
C SER A 286 -0.05 -3.85 6.22
N HIS A 287 -0.69 -2.71 6.44
CA HIS A 287 -0.25 -1.74 7.43
C HIS A 287 -1.48 -0.88 7.76
N GLY A 288 -1.50 -0.37 8.99
CA GLY A 288 -2.54 0.54 9.44
C GLY A 288 -1.96 1.85 9.94
N GLY A 289 -2.69 2.94 9.70
CA GLY A 289 -2.26 4.27 10.13
C GLY A 289 -3.25 4.89 11.11
N GLN A 290 -2.74 5.46 12.19
CA GLN A 290 -3.62 6.00 13.23
C GLN A 290 -3.03 7.22 13.92
N ASN A 291 -3.41 8.41 13.47
CA ASN A 291 -2.98 9.63 14.13
C ASN A 291 -4.02 10.03 15.15
N PRO A 292 -3.78 11.11 15.93
CA PRO A 292 -4.80 11.53 16.88
C PRO A 292 -6.16 11.70 16.23
N ASN A 293 -6.19 12.22 15.00
CA ASN A 293 -7.45 12.60 14.36
C ASN A 293 -7.67 11.99 12.95
N PHE A 294 -6.90 10.97 12.62
CA PHE A 294 -7.06 10.27 11.34
C PHE A 294 -6.75 8.79 11.54
N SER A 295 -7.41 7.93 10.76
CA SER A 295 -7.05 6.51 10.75
C SER A 295 -7.19 5.93 9.34
N SER A 296 -6.47 4.85 9.07
CA SER A 296 -6.48 4.33 7.71
C SER A 296 -5.94 2.90 7.71
N CYS A 297 -6.13 2.17 6.62
CA CYS A 297 -5.54 0.86 6.47
C CYS A 297 -5.30 0.58 5.01
N ILE A 298 -4.39 -0.35 4.74
CA ILE A 298 -4.16 -0.82 3.38
C ILE A 298 -3.72 -2.30 3.41
N ALA A 299 -4.14 -3.06 2.40
CA ALA A 299 -3.82 -4.47 2.32
C ALA A 299 -3.74 -4.89 0.87
N LEU A 300 -2.76 -5.74 0.60
CA LEU A 300 -2.57 -6.25 -0.78
C LEU A 300 -2.43 -7.75 -0.73
N ARG A 301 -3.13 -8.42 -1.64
CA ARG A 301 -3.00 -9.85 -1.80
C ARG A 301 -2.78 -10.11 -3.30
N PRO A 302 -1.54 -9.93 -3.74
CA PRO A 302 -1.18 -9.92 -5.16
C PRO A 302 -1.62 -11.13 -5.95
N ASP A 303 -1.58 -12.34 -5.36
CA ASP A 303 -1.90 -13.59 -6.08
C ASP A 303 -3.22 -13.40 -6.75
N GLN A 304 -4.08 -12.58 -6.15
CA GLN A 304 -5.39 -12.40 -6.71
C GLN A 304 -5.57 -10.96 -7.19
N GLN A 305 -4.46 -10.26 -7.36
CA GLN A 305 -4.46 -8.84 -7.73
C GLN A 305 -5.41 -8.06 -6.80
N ILE A 306 -5.34 -8.31 -5.49
CA ILE A 306 -6.32 -7.67 -4.60
C ILE A 306 -5.62 -6.48 -3.98
N GLY A 307 -6.29 -5.32 -3.93
CA GLY A 307 -5.72 -4.14 -3.25
C GLY A 307 -6.86 -3.36 -2.62
N ILE A 308 -6.67 -3.02 -1.34
CA ILE A 308 -7.73 -2.43 -0.54
C ILE A 308 -7.13 -1.29 0.21
N VAL A 309 -7.80 -0.14 0.20
CA VAL A 309 -7.35 0.96 1.03
C VAL A 309 -8.56 1.67 1.59
N ALA A 310 -8.46 2.08 2.85
CA ALA A 310 -9.47 2.87 3.54
C ALA A 310 -8.84 4.10 4.19
N LEU A 311 -9.52 5.24 4.10
CA LEU A 311 -9.02 6.51 4.69
C LEU A 311 -10.19 7.15 5.44
N ALA A 312 -9.97 7.67 6.65
CA ALA A 312 -11.07 8.14 7.50
C ALA A 312 -10.56 9.33 8.32
N ASN A 313 -11.42 10.33 8.54
CA ASN A 313 -10.97 11.53 9.21
C ASN A 313 -11.16 11.53 10.71
N MET A 314 -11.16 10.34 11.30
CA MET A 314 -11.24 10.24 12.72
C MET A 314 -10.34 9.05 13.10
N ASN A 315 -9.77 9.08 14.28
CA ASN A 315 -9.07 7.93 14.77
C ASN A 315 -10.03 6.80 15.25
N SER A 316 -9.95 5.62 14.64
CA SER A 316 -10.84 4.52 15.00
C SER A 316 -10.16 3.18 14.81
N ASN A 317 -10.17 2.38 15.88
CA ASN A 317 -9.64 1.02 15.83
C ASN A 317 -10.38 0.17 14.82
N LEU A 318 -11.66 0.45 14.60
CA LEU A 318 -12.43 -0.28 13.58
C LEU A 318 -11.88 -0.07 12.16
N ILE A 319 -11.38 1.12 11.88
CA ILE A 319 -10.86 1.39 10.51
C ILE A 319 -9.62 0.50 10.32
N LEU A 320 -8.82 0.32 11.37
CA LEU A 320 -7.64 -0.55 11.26
C LEU A 320 -7.95 -2.01 10.88
N GLN A 321 -9.15 -2.48 11.27
CA GLN A 321 -9.58 -3.83 10.94
C GLN A 321 -10.41 -3.86 9.62
N LEU A 322 -10.77 -2.69 9.10
CA LEU A 322 -11.67 -2.66 7.94
C LEU A 322 -11.13 -3.33 6.65
N CYS A 323 -9.84 -3.18 6.39
CA CYS A 323 -9.20 -3.87 5.23
C CYS A 323 -9.28 -5.40 5.34
N ALA A 324 -9.05 -5.93 6.55
CA ALA A 324 -9.20 -7.35 6.83
C ALA A 324 -10.64 -7.81 6.67
N ASP A 325 -11.63 -7.08 7.18
CA ASP A 325 -13.01 -7.43 6.89
C ASP A 325 -13.26 -7.56 5.37
N ILE A 326 -12.82 -6.55 4.60
CA ILE A 326 -13.04 -6.55 3.16
C ILE A 326 -12.33 -7.74 2.53
N ASP A 327 -11.11 -7.99 2.98
CA ASP A 327 -10.39 -9.12 2.42
C ASP A 327 -11.15 -10.45 2.71
N ASN A 328 -11.68 -10.59 3.91
CA ASN A 328 -12.51 -11.77 4.22
C ASN A 328 -13.67 -11.87 3.21
N TYR A 329 -14.33 -10.74 2.97
CA TYR A 329 -15.46 -10.75 2.08
C TYR A 329 -15.04 -11.24 0.68
N LEU A 330 -13.93 -10.72 0.20
CA LEU A 330 -13.39 -11.13 -1.10
C LEU A 330 -12.99 -12.63 -1.08
N ARG A 331 -12.38 -13.07 0.02
CA ARG A 331 -11.79 -14.41 0.09
C ARG A 331 -12.90 -15.47 0.19
N ILE A 332 -13.89 -15.26 1.05
CA ILE A 332 -14.87 -16.31 1.32
C ILE A 332 -16.33 -15.86 1.34
N GLY A 333 -16.57 -14.60 1.00
CA GLY A 333 -17.92 -14.05 0.93
C GLY A 333 -18.55 -13.89 2.29
N LYS A 334 -17.72 -13.86 3.32
CA LYS A 334 -18.18 -13.74 4.70
C LYS A 334 -17.27 -12.78 5.48
N TYR A 335 -17.78 -12.30 6.61
CA TYR A 335 -17.02 -11.40 7.47
C TYR A 335 -17.63 -11.31 8.86
N GLU B 1 21.36 -17.39 26.77
CA GLU B 1 22.20 -17.87 25.70
C GLU B 1 22.01 -19.36 25.47
N ARG B 2 21.94 -20.10 26.57
CA ARG B 2 21.75 -21.54 26.51
C ARG B 2 20.23 -21.90 26.61
N LEU B 3 19.80 -22.93 25.90
CA LEU B 3 18.42 -23.40 25.98
C LEU B 3 18.05 -23.70 27.43
N SER B 4 18.97 -24.35 28.14
CA SER B 4 18.71 -24.72 29.51
C SER B 4 18.50 -23.49 30.39
N THR B 5 19.23 -22.42 30.15
CA THR B 5 18.93 -21.13 30.76
C THR B 5 17.55 -20.63 30.45
N LEU B 6 17.21 -20.59 29.17
CA LEU B 6 15.88 -20.14 28.75
C LEU B 6 14.79 -20.88 29.50
N ILE B 7 14.87 -22.20 29.48
CA ILE B 7 13.79 -23.00 30.05
C ILE B 7 13.76 -22.83 31.58
N HIS B 8 14.93 -22.95 32.21
CA HIS B 8 14.99 -22.76 33.65
C HIS B 8 14.50 -21.37 34.09
N GLN B 9 14.90 -20.35 33.36
CA GLN B 9 14.47 -18.98 33.64
C GLN B 9 12.95 -18.83 33.57
N ARG B 10 12.32 -19.42 32.54
CA ARG B 10 10.88 -19.32 32.31
C ARG B 10 10.13 -20.10 33.37
N MET B 11 10.71 -21.23 33.78
CA MET B 11 10.09 -21.95 34.90
C MET B 11 10.04 -21.13 36.18
N GLN B 12 11.14 -20.47 36.55
CA GLN B 12 11.11 -19.62 37.76
C GLN B 12 10.14 -18.50 37.58
N GLU B 13 10.11 -17.92 36.38
CA GLU B 13 9.26 -16.77 36.17
C GLU B 13 7.79 -17.20 36.32
N ALA B 14 7.46 -18.41 35.86
CA ALA B 14 6.08 -18.90 35.89
C ALA B 14 5.62 -19.45 37.26
N LYS B 15 6.56 -19.69 38.18
CA LYS B 15 6.24 -20.21 39.53
C LYS B 15 5.54 -21.55 39.52
N VAL B 16 5.77 -22.35 38.48
CA VAL B 16 5.24 -23.69 38.44
C VAL B 16 6.07 -24.61 39.34
N PRO B 17 5.38 -25.42 40.14
CA PRO B 17 6.13 -26.34 40.99
C PRO B 17 6.90 -27.40 40.19
N ALA B 18 6.33 -27.92 39.12
CA ALA B 18 7.09 -28.88 38.28
C ALA B 18 6.95 -28.49 36.81
N LEU B 19 8.06 -28.62 36.09
CA LEU B 19 8.06 -28.39 34.66
C LEU B 19 8.80 -29.51 33.97
N SER B 20 8.14 -30.09 32.97
CA SER B 20 8.77 -31.07 32.14
C SER B 20 8.74 -30.61 30.67
N VAL B 21 9.89 -30.56 30.02
CA VAL B 21 10.02 -30.13 28.63
C VAL B 21 10.82 -31.14 27.83
N SER B 22 10.39 -31.40 26.60
CA SER B 22 11.19 -32.19 25.70
C SER B 22 11.32 -31.44 24.36
N VAL B 23 12.54 -31.35 23.85
CA VAL B 23 12.81 -30.63 22.61
C VAL B 23 13.60 -31.53 21.66
N THR B 24 13.09 -31.73 20.46
CA THR B 24 13.79 -32.50 19.45
C THR B 24 13.98 -31.65 18.18
N ILE B 25 15.23 -31.63 17.69
CA ILE B 25 15.59 -30.96 16.44
C ILE B 25 16.57 -31.86 15.68
N LYS B 26 16.20 -32.19 14.44
CA LYS B 26 17.04 -32.97 13.52
C LYS B 26 17.53 -34.24 14.13
N GLY B 27 16.61 -34.94 14.80
CA GLY B 27 16.86 -36.20 15.48
C GLY B 27 17.71 -36.13 16.74
N VAL B 28 17.95 -34.93 17.28
CA VAL B 28 18.61 -34.75 18.57
C VAL B 28 17.59 -34.25 19.61
N ARG B 29 17.48 -34.96 20.72
CA ARG B 29 16.42 -34.68 21.69
C ARG B 29 17.02 -34.41 23.05
N GLN B 30 16.64 -33.27 23.64
CA GLN B 30 17.02 -32.95 25.03
C GLN B 30 15.80 -32.88 25.92
N ARG B 31 15.95 -33.36 27.15
CA ARG B 31 14.85 -33.34 28.13
C ARG B 31 15.15 -32.38 29.26
N PHE B 32 14.13 -31.73 29.81
CA PHE B 32 14.34 -30.84 30.93
C PHE B 32 13.27 -31.19 31.96
N VAL B 33 13.70 -31.78 33.07
CA VAL B 33 12.76 -32.19 34.12
C VAL B 33 13.09 -31.45 35.42
N TYR B 34 12.16 -30.63 35.87
CA TYR B 34 12.42 -29.73 37.00
C TYR B 34 11.32 -29.77 38.05
N GLY B 35 11.68 -29.40 39.27
CA GLY B 35 10.70 -29.18 40.33
C GLY B 35 10.15 -30.41 41.03
N VAL B 36 9.05 -30.18 41.74
CA VAL B 36 8.42 -31.19 42.60
C VAL B 36 7.03 -31.43 42.08
N ALA B 37 6.64 -32.69 41.92
CA ALA B 37 5.28 -33.01 41.51
C ALA B 37 4.25 -32.79 42.63
N ASP B 38 4.70 -32.84 43.89
CA ASP B 38 3.82 -32.50 45.02
C ASP B 38 4.61 -31.74 46.09
N VAL B 39 4.25 -30.49 46.31
CA VAL B 39 5.05 -29.62 47.17
C VAL B 39 5.03 -30.15 48.60
N ALA B 40 3.85 -30.53 49.10
CA ALA B 40 3.73 -30.83 50.53
C ALA B 40 4.48 -32.11 50.86
N SER B 41 4.31 -33.12 50.04
CA SER B 41 4.98 -34.40 50.28
C SER B 41 6.41 -34.46 49.71
N GLN B 42 6.88 -33.38 49.10
CA GLN B 42 8.23 -33.29 48.49
C GLN B 42 8.52 -34.39 47.44
N LYS B 43 7.52 -34.77 46.66
CA LYS B 43 7.76 -35.79 45.68
C LYS B 43 8.30 -35.12 44.40
N ALA B 44 9.53 -35.47 44.05
CA ALA B 44 10.21 -34.87 42.92
C ALA B 44 9.52 -35.25 41.62
N ASN B 45 9.42 -34.29 40.71
CA ASN B 45 8.92 -34.58 39.38
C ASN B 45 9.93 -35.49 38.69
N THR B 46 9.45 -36.54 38.04
CA THR B 46 10.36 -37.44 37.29
C THR B 46 9.74 -37.73 35.92
N LEU B 47 10.47 -38.48 35.08
CA LEU B 47 9.94 -38.88 33.79
C LEU B 47 8.58 -39.59 33.87
N ASP B 48 8.30 -40.29 34.96
CA ASP B 48 7.02 -40.97 35.12
C ASP B 48 5.86 -40.11 35.57
N THR B 49 6.13 -38.86 35.92
CA THR B 49 5.07 -37.98 36.40
C THR B 49 3.98 -37.75 35.34
N VAL B 50 2.73 -37.81 35.77
CA VAL B 50 1.59 -37.71 34.87
C VAL B 50 0.94 -36.32 34.93
N TYR B 51 0.74 -35.73 33.76
CA TYR B 51 0.16 -34.40 33.64
C TYR B 51 -1.13 -34.40 32.83
N GLU B 52 -2.14 -33.68 33.29
CA GLU B 52 -3.33 -33.46 32.49
C GLU B 52 -2.91 -32.64 31.26
N LEU B 53 -3.43 -33.01 30.09
CA LEU B 53 -3.04 -32.34 28.85
C LEU B 53 -3.91 -31.13 28.50
N GLY B 54 -4.94 -30.88 29.30
CA GLY B 54 -5.89 -29.85 28.98
C GLY B 54 -6.29 -29.91 27.51
N SER B 55 -6.32 -28.76 26.86
CA SER B 55 -6.76 -28.66 25.47
C SER B 55 -5.89 -29.43 24.50
N MET B 56 -4.69 -29.85 24.93
CA MET B 56 -3.88 -30.70 24.08
C MET B 56 -4.48 -32.12 23.94
N SER B 57 -5.56 -32.39 24.69
CA SER B 57 -6.37 -33.59 24.51
C SER B 57 -7.08 -33.53 23.18
N LYS B 58 -7.32 -32.31 22.67
CA LYS B 58 -8.14 -32.14 21.44
C LYS B 58 -7.53 -32.77 20.22
N ALA B 59 -6.18 -32.78 20.12
CA ALA B 59 -5.52 -33.45 19.00
C ALA B 59 -5.70 -34.96 18.92
N PHE B 60 -5.88 -35.61 20.07
CA PHE B 60 -6.16 -37.06 20.16
C PHE B 60 -7.61 -37.27 19.69
N THR B 61 -8.55 -36.53 20.25
CA THR B 61 -9.94 -36.54 19.80
C THR B 61 -10.08 -36.27 18.29
N GLY B 62 -9.35 -35.28 17.80
CA GLY B 62 -9.48 -34.87 16.39
C GLY B 62 -8.89 -35.93 15.49
N LEU B 63 -7.79 -36.52 15.93
CA LEU B 63 -7.18 -37.55 15.12
C LEU B 63 -8.14 -38.77 15.04
N VAL B 64 -8.72 -39.17 16.17
CA VAL B 64 -9.69 -40.26 16.12
C VAL B 64 -10.85 -39.95 15.16
N VAL B 65 -11.41 -38.74 15.26
CA VAL B 65 -12.46 -38.28 14.34
C VAL B 65 -12.03 -38.50 12.88
N GLN B 66 -10.78 -38.19 12.58
CA GLN B 66 -10.29 -38.27 11.20
C GLN B 66 -9.95 -39.70 10.83
N ILE B 67 -9.62 -40.53 11.82
CA ILE B 67 -9.52 -41.98 11.57
C ILE B 67 -10.87 -42.53 11.14
N LEU B 68 -11.94 -42.18 11.85
CA LEU B 68 -13.28 -42.63 11.52
C LEU B 68 -13.66 -42.13 10.12
N ILE B 69 -13.46 -40.84 9.83
CA ILE B 69 -13.63 -40.33 8.46
C ILE B 69 -12.82 -41.14 7.41
N GLN B 70 -11.55 -41.38 7.67
CA GLN B 70 -10.75 -42.13 6.71
C GLN B 70 -11.35 -43.53 6.40
N GLU B 71 -11.88 -44.20 7.40
CA GLU B 71 -12.45 -45.54 7.25
C GLU B 71 -13.89 -45.51 6.70
N GLY B 72 -14.43 -44.33 6.46
CA GLY B 72 -15.74 -44.23 5.83
C GLY B 72 -16.90 -44.27 6.79
N ARG B 73 -16.64 -44.25 8.11
CA ARG B 73 -17.73 -44.42 9.09
C ARG B 73 -18.39 -43.10 9.47
N LEU B 74 -17.82 -42.01 8.97
CA LEU B 74 -18.22 -40.68 9.41
C LEU B 74 -17.82 -39.70 8.32
N ARG B 75 -18.51 -38.58 8.24
CA ARG B 75 -18.09 -37.47 7.36
C ARG B 75 -18.26 -36.11 8.02
N GLN B 76 -17.29 -35.24 7.75
CA GLN B 76 -17.27 -33.90 8.30
C GLN B 76 -18.55 -33.16 8.07
N GLY B 77 -19.12 -33.29 6.87
CA GLY B 77 -20.38 -32.62 6.55
C GLY B 77 -21.65 -33.26 7.12
N ASP B 78 -21.53 -34.36 7.87
CA ASP B 78 -22.71 -35.01 8.49
C ASP B 78 -23.42 -34.13 9.50
N ASP B 79 -24.74 -34.18 9.46
CA ASP B 79 -25.58 -33.47 10.39
C ASP B 79 -25.31 -34.02 11.78
N ILE B 80 -25.14 -33.14 12.77
CA ILE B 80 -24.78 -33.61 14.11
C ILE B 80 -25.93 -34.41 14.72
N ILE B 81 -27.15 -34.15 14.26
CA ILE B 81 -28.36 -34.64 14.88
C ILE B 81 -28.41 -36.14 14.67
N THR B 82 -27.75 -36.67 13.64
CA THR B 82 -27.77 -38.10 13.57
C THR B 82 -27.05 -38.81 14.73
N TYR B 83 -25.97 -38.24 15.23
CA TYR B 83 -25.20 -38.89 16.29
C TYR B 83 -25.66 -38.42 17.65
N LEU B 84 -26.11 -37.19 17.74
CA LEU B 84 -26.61 -36.65 19.00
C LEU B 84 -28.05 -36.13 18.80
N PRO B 85 -29.00 -37.07 18.63
CA PRO B 85 -30.39 -36.77 18.25
C PRO B 85 -31.06 -35.78 19.18
N GLU B 86 -30.86 -35.92 20.48
CA GLU B 86 -31.57 -35.07 21.43
C GLU B 86 -31.00 -33.64 21.55
N MET B 87 -29.87 -33.37 20.89
CA MET B 87 -29.20 -32.06 20.96
C MET B 87 -29.76 -31.01 20.02
N ARG B 88 -30.52 -30.09 20.58
CA ARG B 88 -31.15 -29.04 19.81
C ARG B 88 -30.53 -27.74 20.25
N LEU B 89 -30.07 -26.95 19.28
CA LEU B 89 -29.49 -25.66 19.61
C LEU B 89 -30.12 -24.62 18.71
N ASN B 90 -30.19 -23.39 19.19
CA ASN B 90 -30.94 -22.32 18.53
C ASN B 90 -30.07 -21.12 18.15
N TYR B 91 -30.35 -20.56 16.98
CA TYR B 91 -29.78 -19.29 16.57
C TYR B 91 -30.94 -18.35 16.29
N GLN B 92 -30.98 -17.21 16.97
CA GLN B 92 -32.07 -16.28 16.81
C GLN B 92 -33.40 -16.97 17.08
N GLY B 93 -34.37 -16.76 16.20
CA GLY B 93 -35.66 -17.41 16.26
C GLY B 93 -35.79 -18.91 15.98
N LYS B 94 -34.92 -19.45 15.14
CA LYS B 94 -35.06 -20.84 14.69
C LYS B 94 -33.88 -21.76 14.99
N PRO B 95 -34.20 -22.99 15.42
CA PRO B 95 -33.18 -23.99 15.77
C PRO B 95 -32.15 -24.03 14.65
N ALA B 96 -30.88 -24.19 14.98
CA ALA B 96 -29.84 -24.07 13.98
C ALA B 96 -29.41 -25.44 13.50
N SER B 97 -29.00 -25.52 12.24
CA SER B 97 -28.45 -26.74 11.69
C SER B 97 -26.95 -26.79 11.95
N LEU B 98 -26.41 -27.95 12.35
CA LEU B 98 -25.01 -28.07 12.75
C LEU B 98 -24.39 -29.34 12.21
N THR B 99 -23.14 -29.26 11.79
CA THR B 99 -22.42 -30.43 11.27
C THR B 99 -21.28 -30.87 12.22
N VAL B 100 -20.65 -32.00 11.92
CA VAL B 100 -19.52 -32.51 12.65
C VAL B 100 -18.35 -31.51 12.51
N ALA B 101 -18.16 -31.00 11.28
CA ALA B 101 -17.20 -29.93 11.01
C ALA B 101 -17.32 -28.69 11.92
N ASP B 102 -18.52 -28.29 12.29
CA ASP B 102 -18.64 -27.12 13.18
C ASP B 102 -17.94 -27.29 14.54
N PHE B 103 -17.93 -28.52 15.05
CA PHE B 103 -17.29 -28.81 16.34
C PHE B 103 -15.83 -29.02 16.09
N LEU B 104 -15.48 -29.73 15.01
CA LEU B 104 -14.08 -29.91 14.68
C LEU B 104 -13.31 -28.58 14.63
N TYR B 105 -13.94 -27.55 14.06
CA TYR B 105 -13.21 -26.31 13.75
C TYR B 105 -13.70 -25.12 14.58
N HIS B 106 -14.49 -25.41 15.60
CA HIS B 106 -14.99 -24.35 16.49
C HIS B 106 -15.72 -23.27 15.70
N THR B 107 -16.62 -23.71 14.82
CA THR B 107 -17.51 -22.78 14.18
C THR B 107 -18.96 -23.03 14.62
N SER B 108 -19.16 -23.56 15.82
CA SER B 108 -20.48 -24.02 16.23
C SER B 108 -21.34 -22.87 16.76
N GLY B 109 -20.73 -21.99 17.52
CA GLY B 109 -21.49 -20.93 18.12
C GLY B 109 -21.84 -21.13 19.57
N LEU B 110 -21.47 -22.28 20.16
CA LEU B 110 -21.71 -22.55 21.58
C LEU B 110 -21.30 -21.42 22.53
N PRO B 111 -22.21 -21.00 23.43
CA PRO B 111 -22.00 -19.90 24.37
C PRO B 111 -20.80 -20.16 25.29
N PHE B 112 -20.23 -19.11 25.87
CA PHE B 112 -19.05 -19.27 26.74
C PHE B 112 -19.37 -19.95 28.08
N SER B 113 -20.63 -19.87 28.50
CA SER B 113 -21.13 -20.56 29.69
C SER B 113 -20.95 -22.09 29.63
N THR B 114 -20.69 -22.61 28.42
CA THR B 114 -20.70 -24.05 28.14
C THR B 114 -19.42 -24.79 28.60
N LEU B 115 -18.38 -24.02 28.92
CA LEU B 115 -17.15 -24.57 29.50
C LEU B 115 -17.34 -24.94 30.97
N ALA B 116 -17.74 -23.97 31.79
CA ALA B 116 -18.02 -24.19 33.22
C ALA B 116 -19.23 -25.09 33.44
N ARG B 117 -20.01 -25.36 32.38
CA ARG B 117 -21.05 -26.39 32.43
C ARG B 117 -20.53 -27.80 32.12
N LEU B 118 -19.64 -27.93 31.13
CA LEU B 118 -19.05 -29.22 30.80
C LEU B 118 -17.99 -29.73 31.80
N GLU B 119 -17.37 -28.79 32.53
CA GLU B 119 -16.42 -29.09 33.60
C GLU B 119 -17.10 -29.52 34.91
N ASN B 120 -18.38 -29.20 35.01
CA ASN B 120 -19.25 -29.57 36.14
C ASN B 120 -19.55 -31.09 36.13
N PRO B 121 -19.19 -31.81 37.19
CA PRO B 121 -19.43 -33.25 37.11
C PRO B 121 -20.90 -33.48 37.41
N SER B 125 -27.04 -36.00 33.00
CA SER B 125 -27.26 -35.67 31.59
C SER B 125 -26.09 -35.94 30.63
N ALA B 126 -26.41 -36.60 29.52
CA ALA B 126 -25.47 -36.80 28.43
C ALA B 126 -25.25 -35.46 27.72
N VAL B 127 -24.08 -35.27 27.13
CA VAL B 127 -23.72 -33.96 26.56
C VAL B 127 -24.82 -33.31 25.72
N ALA B 128 -25.60 -34.10 24.99
CA ALA B 128 -26.68 -33.58 24.15
C ALA B 128 -27.78 -32.91 24.99
N GLN B 129 -28.13 -33.53 26.11
CA GLN B 129 -29.11 -32.99 27.05
C GLN B 129 -28.47 -31.92 27.95
N GLN B 130 -27.16 -32.03 28.15
CA GLN B 130 -26.38 -31.00 28.84
C GLN B 130 -26.32 -29.65 28.08
N LEU B 131 -26.44 -29.72 26.74
CA LEU B 131 -26.33 -28.53 25.89
C LEU B 131 -27.64 -28.21 25.18
N ARG B 132 -28.69 -28.94 25.52
CA ARG B 132 -30.01 -28.77 24.91
C ARG B 132 -30.60 -27.37 25.16
N ASN B 133 -31.17 -26.77 24.12
CA ASN B 133 -31.83 -25.45 24.24
C ASN B 133 -30.82 -24.34 24.60
N GLU B 134 -29.62 -24.48 24.04
CA GLU B 134 -28.57 -23.49 24.15
C GLU B 134 -28.78 -22.45 23.04
N ASN B 135 -28.23 -21.25 23.25
CA ASN B 135 -28.36 -20.18 22.25
C ASN B 135 -27.03 -19.84 21.61
N LEU B 136 -26.95 -20.05 20.30
CA LEU B 136 -25.70 -19.86 19.60
C LEU B 136 -25.22 -18.41 19.55
N LEU B 137 -23.92 -18.20 19.60
CA LEU B 137 -23.36 -16.86 19.50
C LEU B 137 -23.42 -16.34 18.09
N PHE B 138 -23.65 -17.23 17.13
CA PHE B 138 -23.67 -16.84 15.73
C PHE B 138 -24.19 -18.01 14.94
N ALA B 139 -24.34 -17.82 13.63
CA ALA B 139 -24.83 -18.88 12.76
C ALA B 139 -23.72 -19.94 12.63
N PRO B 140 -24.07 -21.23 12.62
CA PRO B 140 -23.04 -22.27 12.46
C PRO B 140 -22.20 -21.98 11.25
N GLY B 141 -20.88 -22.07 11.36
CA GLY B 141 -20.02 -21.80 10.21
C GLY B 141 -19.57 -20.36 10.03
N ALA B 142 -20.25 -19.41 10.66
CA ALA B 142 -19.99 -17.99 10.43
C ALA B 142 -18.62 -17.50 10.91
N LYS B 143 -18.20 -17.98 12.07
CA LYS B 143 -16.96 -17.48 12.65
C LYS B 143 -16.19 -18.60 13.35
N PHE B 144 -14.91 -18.36 13.59
CA PHE B 144 -14.16 -19.28 14.42
C PHE B 144 -14.14 -18.71 15.83
N SER B 145 -14.81 -19.41 16.75
CA SER B 145 -14.76 -19.07 18.15
C SER B 145 -14.32 -20.32 18.90
N TYR B 146 -13.28 -20.20 19.71
CA TYR B 146 -12.79 -21.34 20.44
C TYR B 146 -13.71 -21.67 21.62
N ALA B 147 -14.18 -22.91 21.70
CA ALA B 147 -14.99 -23.34 22.84
C ALA B 147 -14.65 -24.80 23.15
N SER B 148 -14.06 -25.01 24.32
CA SER B 148 -13.55 -26.33 24.69
C SER B 148 -14.64 -27.37 24.53
N ALA B 149 -15.88 -26.97 24.75
CA ALA B 149 -17.00 -27.90 24.67
C ALA B 149 -17.18 -28.55 23.30
N ASN B 150 -16.75 -27.86 22.24
CA ASN B 150 -16.88 -28.43 20.89
C ASN B 150 -16.34 -29.85 20.80
N TYR B 151 -15.22 -30.11 21.46
CA TYR B 151 -14.54 -31.39 21.32
C TYR B 151 -15.12 -32.42 22.29
N ASP B 152 -15.91 -31.94 23.26
CA ASP B 152 -16.70 -32.83 24.09
C ASP B 152 -17.83 -33.42 23.26
N VAL B 153 -18.46 -32.57 22.46
CA VAL B 153 -19.45 -33.02 21.49
C VAL B 153 -18.80 -34.07 20.59
N LEU B 154 -17.56 -33.88 20.17
CA LEU B 154 -16.92 -34.86 19.34
C LEU B 154 -16.63 -36.18 20.07
N GLY B 155 -16.40 -36.12 21.40
CA GLY B 155 -16.28 -37.35 22.18
C GLY B 155 -17.54 -38.22 22.07
N ALA B 156 -18.71 -37.59 22.23
CA ALA B 156 -20.01 -38.24 22.12
C ALA B 156 -20.24 -38.79 20.72
N VAL B 157 -19.85 -38.04 19.69
CA VAL B 157 -19.83 -38.61 18.35
C VAL B 157 -19.02 -39.88 18.24
N ILE B 158 -17.82 -39.86 18.81
CA ILE B 158 -16.90 -40.99 18.69
C ILE B 158 -17.52 -42.22 19.36
N GLU B 159 -18.17 -42.03 20.49
CA GLU B 159 -18.83 -43.13 21.21
C GLU B 159 -20.03 -43.69 20.45
N ASN B 160 -20.91 -42.79 20.01
CA ASN B 160 -22.06 -43.16 19.21
C ASN B 160 -21.69 -43.99 17.99
N VAL B 161 -20.75 -43.49 17.19
CA VAL B 161 -20.31 -44.22 16.00
C VAL B 161 -19.57 -45.51 16.33
N THR B 162 -18.66 -45.43 17.30
CA THR B 162 -17.87 -46.58 17.74
C THR B 162 -18.71 -47.64 18.43
N GLY B 163 -19.64 -47.19 19.26
CA GLY B 163 -20.39 -48.07 20.13
C GLY B 163 -19.56 -48.42 21.35
N LYS B 164 -18.43 -47.73 21.50
CA LYS B 164 -17.52 -48.00 22.61
C LYS B 164 -17.41 -46.78 23.46
N THR B 165 -16.71 -46.88 24.59
CA THR B 165 -16.46 -45.66 25.34
C THR B 165 -15.26 -44.91 24.77
N PHE B 166 -15.25 -43.62 25.06
CA PHE B 166 -14.12 -42.79 24.66
C PHE B 166 -12.78 -43.38 25.06
N THR B 167 -12.67 -43.78 26.32
CA THR B 167 -11.41 -44.36 26.83
C THR B 167 -10.97 -45.54 25.99
N GLU B 168 -11.94 -46.40 25.67
CA GLU B 168 -11.61 -47.61 24.93
C GLU B 168 -11.15 -47.27 23.53
N VAL B 169 -11.73 -46.22 22.94
CA VAL B 169 -11.40 -45.92 21.54
C VAL B 169 -9.99 -45.35 21.51
N ILE B 170 -9.76 -44.41 22.43
CA ILE B 170 -8.47 -43.76 22.54
C ILE B 170 -7.40 -44.80 22.71
N ALA B 171 -7.67 -45.76 23.58
CA ALA B 171 -6.68 -46.81 23.83
C ALA B 171 -6.57 -47.70 22.61
N GLU B 172 -7.67 -48.12 22.06
CA GLU B 172 -7.59 -49.13 21.01
C GLU B 172 -7.01 -48.51 19.71
N ARG B 173 -7.57 -47.37 19.31
CA ARG B 173 -7.11 -46.64 18.14
C ARG B 173 -5.72 -46.00 18.22
N LEU B 174 -5.40 -45.38 19.36
CA LEU B 174 -4.20 -44.54 19.44
C LEU B 174 -3.09 -44.96 20.41
N THR B 175 -3.44 -45.08 21.69
CA THR B 175 -2.43 -45.32 22.73
C THR B 175 -1.73 -46.67 22.64
N GLN B 176 -2.50 -47.71 22.35
CA GLN B 176 -1.95 -49.08 22.25
C GLN B 176 -1.11 -49.23 21.00
N PRO B 177 -1.66 -48.86 19.83
CA PRO B 177 -0.87 -49.05 18.61
C PRO B 177 0.39 -48.20 18.58
N LEU B 178 0.40 -47.04 19.26
CA LEU B 178 1.57 -46.15 19.25
C LEU B 178 2.57 -46.51 20.32
N GLY B 179 2.12 -47.26 21.33
CA GLY B 179 3.02 -47.68 22.41
C GLY B 179 3.08 -46.65 23.53
N MET B 180 2.03 -45.85 23.67
CA MET B 180 1.98 -44.88 24.75
C MET B 180 1.33 -45.53 25.96
N SER B 181 2.15 -46.09 26.84
CA SER B 181 1.65 -46.94 27.91
C SER B 181 1.17 -46.19 29.15
N ALA B 182 1.40 -44.88 29.23
CA ALA B 182 1.01 -44.15 30.42
C ALA B 182 0.02 -43.06 30.07
N THR B 183 -0.57 -43.17 28.88
CA THR B 183 -1.51 -42.17 28.40
C THR B 183 -2.93 -42.73 28.44
N VAL B 184 -3.86 -42.01 29.07
CA VAL B 184 -5.19 -42.56 29.19
C VAL B 184 -6.24 -41.47 29.28
N ALA B 185 -7.35 -41.68 28.58
CA ALA B 185 -8.52 -40.83 28.76
C ALA B 185 -9.27 -41.31 30.00
N VAL B 186 -9.28 -40.50 31.05
CA VAL B 186 -9.77 -40.94 32.35
C VAL B 186 -11.28 -41.09 32.31
N LYS B 187 -11.79 -42.09 33.02
CA LYS B 187 -13.24 -42.33 33.14
C LYS B 187 -13.87 -41.31 34.08
N GLY B 188 -13.11 -40.88 35.09
CA GLY B 188 -13.63 -39.94 36.08
C GLY B 188 -12.64 -39.65 37.20
N ASP B 189 -13.16 -39.70 38.43
CA ASP B 189 -12.40 -39.38 39.65
C ASP B 189 -11.37 -40.44 40.09
N GLU B 190 -11.50 -41.66 39.58
CA GLU B 190 -10.59 -42.75 39.93
C GLU B 190 -9.11 -42.36 39.84
N ILE B 191 -8.33 -42.82 40.81
CA ILE B 191 -6.96 -42.34 40.97
C ILE B 191 -5.98 -42.83 39.90
N ILE B 192 -5.09 -41.93 39.49
CA ILE B 192 -4.02 -42.26 38.56
C ILE B 192 -2.69 -42.25 39.30
N VAL B 193 -1.98 -43.37 39.24
CA VAL B 193 -0.69 -43.52 39.92
C VAL B 193 0.40 -42.67 39.26
N ASN B 194 1.22 -42.01 40.08
CA ASN B 194 2.35 -41.25 39.57
C ASN B 194 1.94 -39.86 39.13
N LYS B 195 0.67 -39.57 39.28
CA LYS B 195 0.14 -38.29 38.83
C LYS B 195 0.66 -37.13 39.67
N ALA B 196 0.92 -36.00 39.00
CA ALA B 196 1.32 -34.78 39.70
C ALA B 196 0.12 -34.11 40.38
N SER B 197 0.34 -33.49 41.54
CA SER B 197 -0.68 -32.64 42.14
C SER B 197 -0.79 -31.34 41.32
N GLY B 198 -2.01 -30.84 41.17
CA GLY B 198 -2.25 -29.60 40.46
C GLY B 198 -2.41 -28.39 41.36
N TYR B 199 -1.87 -27.27 40.91
CA TYR B 199 -1.89 -26.04 41.68
C TYR B 199 -2.59 -24.96 40.90
N LYS B 200 -3.31 -24.11 41.62
CA LYS B 200 -3.87 -22.88 41.05
C LYS B 200 -3.30 -21.57 41.58
N LEU B 201 -2.45 -20.94 40.76
CA LEU B 201 -1.73 -19.73 41.13
C LEU B 201 -2.52 -18.58 41.73
N GLY B 202 -1.88 -17.88 42.65
CA GLY B 202 -2.40 -16.65 43.20
C GLY B 202 -3.09 -16.80 44.53
N PHE B 203 -2.63 -16.01 45.50
CA PHE B 203 -1.43 -15.21 45.30
C PHE B 203 -0.23 -16.13 45.09
N GLY B 204 -0.26 -17.28 45.74
CA GLY B 204 0.82 -18.25 45.68
C GLY B 204 0.24 -19.58 45.25
N LYS B 205 1.07 -20.62 45.08
CA LYS B 205 0.60 -21.91 44.52
C LYS B 205 0.05 -22.82 45.61
N PRO B 206 -1.29 -22.81 45.83
CA PRO B 206 -1.95 -23.75 46.73
C PRO B 206 -2.64 -24.90 46.03
N VAL B 207 -2.58 -26.09 46.62
CA VAL B 207 -3.10 -27.28 45.96
C VAL B 207 -4.59 -27.21 45.62
N LEU B 208 -4.93 -27.70 44.42
CA LEU B 208 -6.32 -27.79 43.94
C LEU B 208 -6.85 -29.11 43.31
N PHE B 209 -5.88 -29.96 42.88
CA PHE B 209 -6.18 -31.12 42.09
C PHE B 209 -7.44 -31.93 42.37
N HIS B 210 -7.79 -31.98 43.64
CA HIS B 210 -8.84 -32.82 44.18
C HIS B 210 -10.21 -32.73 43.58
N ALA B 211 -10.58 -31.57 43.04
CA ALA B 211 -11.93 -31.39 42.55
C ALA B 211 -12.14 -32.47 41.49
N PRO B 212 -13.34 -33.05 41.49
CA PRO B 212 -13.63 -34.22 40.66
C PRO B 212 -13.74 -33.84 39.18
N LEU B 213 -13.37 -34.77 38.29
CA LEU B 213 -13.32 -34.50 36.85
C LEU B 213 -14.58 -35.01 36.12
N ALA B 214 -15.32 -34.10 35.48
CA ALA B 214 -16.50 -34.47 34.72
C ALA B 214 -16.12 -35.37 33.54
N ARG B 215 -16.72 -36.55 33.47
CA ARG B 215 -16.46 -37.51 32.39
C ARG B 215 -16.67 -36.91 30.98
N ASN B 216 -17.74 -36.13 30.82
CA ASN B 216 -18.11 -35.52 29.54
C ASN B 216 -17.06 -34.60 28.96
N HIS B 217 -16.26 -33.99 29.84
CA HIS B 217 -15.25 -33.04 29.44
C HIS B 217 -13.89 -33.67 29.08
N VAL B 218 -13.77 -34.97 29.29
CA VAL B 218 -12.47 -35.64 29.07
C VAL B 218 -11.89 -35.41 27.68
N PRO B 219 -12.71 -35.54 26.64
CA PRO B 219 -12.21 -35.43 25.26
C PRO B 219 -11.69 -34.04 24.86
N ALA B 220 -12.21 -33.00 25.52
CA ALA B 220 -11.77 -31.63 25.40
C ALA B 220 -10.65 -31.23 26.36
N ALA B 221 -10.57 -31.83 27.53
CA ALA B 221 -9.60 -31.38 28.50
C ALA B 221 -8.94 -32.37 29.42
N TYR B 222 -9.37 -33.64 29.39
CA TYR B 222 -8.86 -34.57 30.43
C TYR B 222 -8.07 -35.85 30.01
N ILE B 223 -7.26 -35.78 28.96
CA ILE B 223 -6.39 -36.90 28.64
C ILE B 223 -5.16 -36.68 29.53
N HIS B 224 -4.62 -37.77 30.07
CA HIS B 224 -3.44 -37.68 30.94
C HIS B 224 -2.26 -38.30 30.22
N SER B 225 -1.07 -37.74 30.38
CA SER B 225 0.10 -38.32 29.69
C SER B 225 1.39 -38.03 30.42
N THR B 226 2.51 -38.55 29.91
CA THR B 226 3.80 -38.28 30.52
C THR B 226 4.71 -37.67 29.46
N LEU B 227 5.85 -37.10 29.86
CA LEU B 227 6.85 -36.61 28.89
C LEU B 227 7.28 -37.66 27.89
N PRO B 228 7.74 -38.84 28.34
CA PRO B 228 8.13 -39.82 27.33
C PRO B 228 6.96 -40.27 26.40
N ASP B 229 5.72 -40.40 26.88
CA ASP B 229 4.63 -40.69 25.93
C ASP B 229 4.39 -39.53 24.95
N MET B 230 4.51 -38.29 25.41
CA MET B 230 4.30 -37.14 24.52
C MET B 230 5.40 -37.07 23.48
N GLU B 231 6.58 -37.58 23.83
CA GLU B 231 7.67 -37.69 22.90
C GLU B 231 7.29 -38.67 21.82
N ILE B 232 6.60 -39.73 22.21
CA ILE B 232 6.23 -40.75 21.22
C ILE B 232 5.18 -40.16 20.30
N TRP B 233 4.28 -39.39 20.89
CA TRP B 233 3.20 -38.77 20.13
C TRP B 233 3.83 -37.86 19.08
N ILE B 234 4.77 -37.01 19.50
CA ILE B 234 5.46 -36.09 18.61
C ILE B 234 6.14 -36.83 17.43
N ASP B 235 6.83 -37.92 17.75
CA ASP B 235 7.63 -38.63 16.79
C ASP B 235 6.71 -39.31 15.78
N ALA B 236 5.52 -39.71 16.23
CA ALA B 236 4.51 -40.27 15.37
C ALA B 236 4.05 -39.25 14.33
N TRP B 237 3.76 -38.02 14.79
CA TRP B 237 3.34 -36.97 13.88
C TRP B 237 4.48 -36.51 12.94
N LEU B 238 5.72 -36.53 13.40
CA LEU B 238 6.87 -36.14 12.58
C LEU B 238 7.31 -37.24 11.62
N HIS B 239 7.06 -38.49 11.99
CA HIS B 239 7.50 -39.60 11.18
C HIS B 239 6.35 -40.51 10.91
N ARG B 240 5.47 -40.07 10.03
CA ARG B 240 4.26 -40.80 9.71
C ARG B 240 4.55 -42.16 9.09
N LYS B 241 5.60 -42.26 8.28
CA LYS B 241 5.87 -43.52 7.59
C LYS B 241 6.02 -44.60 8.64
N ALA B 242 5.78 -45.84 8.23
CA ALA B 242 5.83 -46.99 9.15
C ALA B 242 4.55 -47.10 9.97
N LEU B 243 3.56 -46.28 9.62
CA LEU B 243 2.23 -46.30 10.23
C LEU B 243 1.19 -46.73 9.21
N PRO B 244 0.19 -47.49 9.65
CA PRO B 244 -0.78 -48.08 8.72
C PRO B 244 -1.47 -46.99 7.91
N ALA B 245 -1.65 -47.24 6.61
CA ALA B 245 -2.13 -46.22 5.70
C ALA B 245 -3.28 -45.40 6.28
N THR B 246 -4.16 -46.04 7.05
CA THR B 246 -5.32 -45.33 7.58
C THR B 246 -4.88 -44.15 8.45
N LEU B 247 -3.83 -44.33 9.22
CA LEU B 247 -3.42 -43.40 10.26
C LEU B 247 -2.64 -42.27 9.60
N ARG B 248 -1.91 -42.63 8.56
CA ARG B 248 -1.13 -41.71 7.78
C ARG B 248 -2.04 -40.70 7.09
N GLU B 249 -3.10 -41.20 6.47
CA GLU B 249 -4.09 -40.34 5.83
C GLU B 249 -4.89 -39.53 6.84
N ALA B 250 -5.21 -40.13 7.97
CA ALA B 250 -5.97 -39.39 8.98
C ALA B 250 -5.12 -38.26 9.54
N MET B 251 -3.82 -38.51 9.72
CA MET B 251 -2.87 -37.50 10.18
C MET B 251 -2.72 -36.31 9.19
N SER B 252 -2.57 -36.59 7.87
CA SER B 252 -2.58 -35.49 6.87
C SER B 252 -3.80 -34.64 6.94
N ASN B 253 -4.96 -35.29 7.03
CA ASN B 253 -6.24 -34.57 7.09
C ASN B 253 -6.43 -33.82 8.38
N SER B 254 -5.77 -34.30 9.44
CA SER B 254 -5.87 -33.64 10.73
C SER B 254 -5.22 -32.27 10.75
N TRP B 255 -4.20 -32.08 9.93
CA TRP B 255 -3.43 -30.84 9.89
C TRP B 255 -3.96 -29.87 8.81
N ARG B 256 -5.13 -30.17 8.28
CA ARG B 256 -5.73 -29.29 7.28
C ARG B 256 -6.60 -28.24 7.94
N GLY B 257 -6.17 -26.98 7.90
CA GLY B 257 -6.91 -25.93 8.57
C GLY B 257 -8.21 -25.51 7.89
N ASN B 258 -9.18 -25.09 8.68
CA ASN B 258 -10.41 -24.60 8.10
C ASN B 258 -10.22 -23.14 7.66
N SER B 259 -10.13 -22.92 6.34
CA SER B 259 -9.95 -21.56 5.82
C SER B 259 -11.25 -20.78 5.69
N ASP B 260 -12.38 -21.45 5.87
CA ASP B 260 -13.68 -20.86 5.59
C ASP B 260 -14.30 -20.03 6.70
N VAL B 261 -13.46 -19.22 7.35
CA VAL B 261 -13.87 -18.30 8.40
C VAL B 261 -13.15 -16.96 8.21
N PRO B 262 -13.73 -15.89 8.75
CA PRO B 262 -13.09 -14.58 8.80
C PRO B 262 -11.82 -14.64 9.64
N LEU B 263 -10.82 -13.88 9.21
CA LEU B 263 -9.52 -13.83 9.84
C LEU B 263 -9.28 -12.37 10.25
N ALA B 264 -8.68 -12.16 11.42
CA ALA B 264 -8.38 -10.81 11.89
C ALA B 264 -7.15 -10.29 11.14
N ALA B 265 -6.96 -8.97 11.20
CA ALA B 265 -5.84 -8.29 10.57
C ALA B 265 -4.47 -8.84 11.03
N ASP B 266 -4.33 -9.10 12.32
CA ASP B 266 -3.08 -9.61 12.86
C ASP B 266 -3.05 -11.13 12.93
N ASN B 267 -4.19 -11.77 12.71
CA ASN B 267 -4.25 -13.23 12.71
C ASN B 267 -4.96 -13.97 11.58
N ARG B 268 -4.19 -14.65 10.74
CA ARG B 268 -4.77 -15.45 9.67
C ARG B 268 -4.47 -16.95 9.86
N ILE B 269 -4.15 -17.32 11.08
CA ILE B 269 -3.91 -18.69 11.47
C ILE B 269 -5.22 -19.47 11.39
N LEU B 270 -5.13 -20.73 10.94
CA LEU B 270 -6.31 -21.61 10.92
C LEU B 270 -6.33 -22.66 12.03
N TYR B 271 -7.53 -23.13 12.34
CA TYR B 271 -7.70 -24.28 13.20
C TYR B 271 -8.00 -25.54 12.38
N ALA B 272 -7.17 -26.54 12.64
CA ALA B 272 -7.26 -27.90 12.13
C ALA B 272 -7.91 -28.80 13.18
N SER B 273 -7.78 -30.10 13.02
CA SER B 273 -8.47 -31.04 13.96
C SER B 273 -7.70 -31.10 15.29
N GLY B 274 -7.97 -30.14 16.17
CA GLY B 274 -7.21 -30.02 17.42
C GLY B 274 -5.80 -29.47 17.33
N TRP B 275 -5.55 -28.66 16.31
CA TRP B 275 -4.25 -27.97 16.15
C TRP B 275 -4.42 -26.57 15.50
N PHE B 276 -3.53 -25.63 15.84
CA PHE B 276 -3.47 -24.34 15.12
C PHE B 276 -2.41 -24.54 14.06
N ILE B 277 -2.69 -24.06 12.83
CA ILE B 277 -1.77 -24.24 11.70
C ILE B 277 -1.29 -22.88 11.20
N ASP B 278 0.00 -22.62 11.27
CA ASP B 278 0.56 -21.32 10.94
C ASP B 278 1.60 -21.55 9.83
N GLN B 279 1.39 -20.90 8.67
CA GLN B 279 2.38 -20.93 7.59
C GLN B 279 3.58 -20.03 7.82
N ASN B 280 3.44 -18.97 8.63
CA ASN B 280 4.57 -18.05 8.83
C ASN B 280 5.78 -18.73 9.50
N GLN B 281 6.94 -18.74 8.84
CA GLN B 281 8.10 -19.50 9.27
C GLN B 281 7.68 -20.94 9.58
N GLY B 282 6.80 -21.47 8.75
CA GLY B 282 6.16 -22.75 9.00
C GLY B 282 6.28 -23.70 7.83
N PRO B 283 5.43 -24.72 7.79
CA PRO B 283 4.34 -24.94 8.74
C PRO B 283 4.74 -25.04 10.21
N TYR B 284 3.99 -24.35 11.07
CA TYR B 284 4.23 -24.35 12.50
C TYR B 284 2.89 -24.77 13.10
N ILE B 285 2.85 -26.00 13.63
CA ILE B 285 1.62 -26.59 14.13
C ILE B 285 1.66 -26.71 15.65
N SER B 286 0.66 -26.14 16.33
CA SER B 286 0.72 -25.99 17.78
C SER B 286 -0.64 -25.97 18.45
N HIS B 287 -0.61 -26.01 19.78
CA HIS B 287 -1.79 -25.93 20.63
C HIS B 287 -1.29 -25.81 22.05
N GLY B 288 -2.00 -25.07 22.88
CA GLY B 288 -1.71 -25.07 24.31
C GLY B 288 -2.77 -25.88 25.05
N GLY B 289 -2.54 -26.10 26.34
CA GLY B 289 -3.55 -26.63 27.23
C GLY B 289 -3.62 -25.83 28.51
N GLN B 290 -4.81 -25.38 28.89
CA GLN B 290 -4.99 -24.76 30.20
C GLN B 290 -6.21 -25.27 30.98
N ASN B 291 -5.92 -25.85 32.12
CA ASN B 291 -6.90 -26.42 33.04
C ASN B 291 -6.73 -25.66 34.34
N PRO B 292 -7.73 -25.66 35.21
CA PRO B 292 -7.58 -24.83 36.41
C PRO B 292 -6.24 -25.01 37.13
N ASN B 293 -5.65 -26.21 37.06
CA ASN B 293 -4.45 -26.58 37.84
C ASN B 293 -3.29 -27.24 37.04
N PHE B 294 -3.37 -27.18 35.71
CA PHE B 294 -2.29 -27.70 34.84
C PHE B 294 -2.17 -26.81 33.63
N SER B 295 -1.01 -26.81 32.98
CA SER B 295 -0.91 -26.09 31.72
C SER B 295 0.14 -26.76 30.84
N SER B 296 0.12 -26.50 29.56
CA SER B 296 1.04 -27.26 28.69
C SER B 296 1.05 -26.61 27.33
N CYS B 297 2.03 -26.97 26.50
CA CYS B 297 2.08 -26.52 25.12
C CYS B 297 2.80 -27.56 24.28
N ILE B 298 2.50 -27.55 22.99
CA ILE B 298 3.22 -28.42 22.06
C ILE B 298 3.33 -27.67 20.73
N ALA B 299 4.44 -27.83 20.03
CA ALA B 299 4.65 -27.17 18.76
C ALA B 299 5.47 -28.08 17.88
N LEU B 300 5.14 -28.11 16.59
CA LEU B 300 5.91 -28.94 15.65
C LEU B 300 6.27 -28.11 14.47
N ARG B 301 7.51 -28.24 14.02
CA ARG B 301 7.96 -27.60 12.81
C ARG B 301 8.65 -28.68 11.96
N PRO B 302 7.85 -29.51 11.29
CA PRO B 302 8.31 -30.71 10.60
C PRO B 302 9.45 -30.47 9.63
N ASP B 303 9.43 -29.33 8.93
CA ASP B 303 10.45 -29.06 7.91
C ASP B 303 11.83 -29.23 8.51
N GLN B 304 11.95 -28.98 9.81
CA GLN B 304 13.25 -29.13 10.45
C GLN B 304 13.23 -30.23 11.50
N GLN B 305 12.24 -31.13 11.35
CA GLN B 305 11.99 -32.16 12.34
C GLN B 305 12.03 -31.56 13.78
N ILE B 306 11.34 -30.46 14.01
CA ILE B 306 11.37 -29.85 15.34
C ILE B 306 10.11 -30.30 16.05
N GLY B 307 10.23 -30.77 17.29
CA GLY B 307 9.04 -31.06 18.13
C GLY B 307 9.32 -30.67 19.57
N ILE B 308 8.41 -29.91 20.18
CA ILE B 308 8.64 -29.30 21.48
C ILE B 308 7.38 -29.55 22.28
N VAL B 309 7.51 -30.01 23.53
CA VAL B 309 6.33 -30.16 24.37
C VAL B 309 6.76 -29.76 25.78
N ALA B 310 5.87 -29.08 26.48
CA ALA B 310 6.13 -28.67 27.85
C ALA B 310 4.87 -29.02 28.66
N LEU B 311 5.05 -29.49 29.88
CA LEU B 311 3.93 -29.94 30.74
C LEU B 311 4.17 -29.37 32.15
N ALA B 312 3.17 -28.80 32.80
CA ALA B 312 3.44 -28.12 34.05
C ALA B 312 2.25 -28.33 34.99
N ASN B 313 2.50 -28.43 36.29
CA ASN B 313 1.44 -28.80 37.22
C ASN B 313 0.74 -27.58 37.79
N MET B 314 0.72 -26.48 37.04
CA MET B 314 0.12 -25.28 37.54
C MET B 314 -0.40 -24.59 36.30
N ASN B 315 -1.52 -23.91 36.45
CA ASN B 315 -2.02 -23.09 35.36
C ASN B 315 -1.16 -21.82 35.18
N SER B 316 -0.52 -21.64 34.02
CA SER B 316 0.31 -20.48 33.79
C SER B 316 0.31 -20.04 32.35
N ASN B 317 -0.02 -18.76 32.15
CA ASN B 317 0.02 -18.19 30.82
C ASN B 317 1.42 -18.25 30.23
N LEU B 318 2.48 -18.20 31.06
CA LEU B 318 3.84 -18.28 30.53
C LEU B 318 4.12 -19.62 29.89
N ILE B 319 3.53 -20.68 30.43
CA ILE B 319 3.77 -22.02 29.88
C ILE B 319 3.23 -22.08 28.45
N LEU B 320 2.14 -21.37 28.18
CA LEU B 320 1.52 -21.40 26.87
C LEU B 320 2.40 -20.73 25.82
N GLN B 321 3.25 -19.79 26.28
CA GLN B 321 4.18 -19.12 25.38
C GLN B 321 5.53 -19.89 25.31
N LEU B 322 5.72 -20.85 26.22
CA LEU B 322 7.02 -21.49 26.33
C LEU B 322 7.47 -22.25 25.07
N CYS B 323 6.55 -22.95 24.40
CA CYS B 323 6.97 -23.67 23.17
C CYS B 323 7.45 -22.70 22.06
N ALA B 324 6.80 -21.54 21.99
CA ALA B 324 7.21 -20.49 21.06
C ALA B 324 8.61 -19.95 21.36
N ASP B 325 8.90 -19.77 22.65
CA ASP B 325 10.21 -19.26 23.06
C ASP B 325 11.32 -20.21 22.65
N ILE B 326 11.06 -21.50 22.84
CA ILE B 326 12.01 -22.54 22.47
C ILE B 326 12.13 -22.57 20.95
N ASP B 327 11.01 -22.48 20.26
CA ASP B 327 11.08 -22.43 18.82
C ASP B 327 11.92 -21.24 18.32
N ASN B 328 11.76 -20.06 18.92
CA ASN B 328 12.61 -18.93 18.55
C ASN B 328 14.09 -19.26 18.76
N TYR B 329 14.42 -19.86 19.89
CA TYR B 329 15.79 -20.12 20.21
C TYR B 329 16.39 -21.09 19.18
N LEU B 330 15.63 -22.10 18.82
CA LEU B 330 16.02 -23.02 17.74
C LEU B 330 16.13 -22.34 16.35
N ARG B 331 15.26 -21.36 16.10
CA ARG B 331 15.19 -20.77 14.75
C ARG B 331 16.34 -19.74 14.57
N ILE B 332 16.59 -18.89 15.56
CA ILE B 332 17.52 -17.78 15.36
C ILE B 332 18.43 -17.55 16.56
N GLY B 333 18.42 -18.46 17.53
CA GLY B 333 19.33 -18.34 18.67
C GLY B 333 18.94 -17.22 19.62
N LYS B 334 17.70 -16.77 19.54
CA LYS B 334 17.26 -15.62 20.32
C LYS B 334 15.87 -15.90 20.83
N TYR B 335 15.54 -15.34 21.98
CA TYR B 335 14.18 -15.37 22.47
C TYR B 335 13.89 -14.07 23.24
N GLU C 1 -23.50 17.68 -40.69
CA GLU C 1 -24.38 18.87 -40.95
C GLU C 1 -24.32 19.84 -39.78
N ARG C 2 -24.27 19.26 -38.59
CA ARG C 2 -24.07 19.99 -37.36
C ARG C 2 -22.56 20.03 -36.99
N LEU C 3 -22.11 21.15 -36.46
CA LEU C 3 -20.72 21.27 -36.01
C LEU C 3 -20.44 20.21 -34.95
N SER C 4 -21.40 19.98 -34.07
CA SER C 4 -21.24 18.99 -33.03
C SER C 4 -21.04 17.60 -33.61
N THR C 5 -21.70 17.29 -34.73
CA THR C 5 -21.46 16.03 -35.43
C THR C 5 -20.07 15.97 -35.99
N LEU C 6 -19.65 17.05 -36.64
CA LEU C 6 -18.28 17.12 -37.18
C LEU C 6 -17.27 16.84 -36.10
N ILE C 7 -17.36 17.58 -35.00
CA ILE C 7 -16.34 17.49 -34.00
C ILE C 7 -16.38 16.13 -33.32
N HIS C 8 -17.57 15.63 -33.02
CA HIS C 8 -17.70 14.31 -32.42
C HIS C 8 -17.18 13.20 -33.31
N GLN C 9 -17.48 13.30 -34.61
CA GLN C 9 -16.98 12.35 -35.61
C GLN C 9 -15.45 12.34 -35.67
N ARG C 10 -14.84 13.53 -35.69
CA ARG C 10 -13.37 13.62 -35.73
C ARG C 10 -12.75 13.09 -34.47
N MET C 11 -13.36 13.35 -33.33
CA MET C 11 -12.84 12.72 -32.12
C MET C 11 -12.89 11.21 -32.10
N GLN C 12 -13.97 10.59 -32.56
CA GLN C 12 -13.97 9.11 -32.66
C GLN C 12 -12.90 8.66 -33.66
N GLU C 13 -12.79 9.37 -34.77
CA GLU C 13 -11.86 8.92 -35.80
C GLU C 13 -10.42 8.97 -35.26
N ALA C 14 -10.08 10.02 -34.52
CA ALA C 14 -8.71 10.21 -34.00
C ALA C 14 -8.35 9.28 -32.82
N LYS C 15 -9.35 8.66 -32.17
CA LYS C 15 -9.16 7.82 -30.97
C LYS C 15 -8.49 8.54 -29.80
N VAL C 16 -8.66 9.85 -29.69
CA VAL C 16 -8.18 10.55 -28.51
C VAL C 16 -9.11 10.30 -27.31
N PRO C 17 -8.53 9.99 -26.14
CA PRO C 17 -9.36 9.81 -24.95
C PRO C 17 -10.10 11.08 -24.53
N ALA C 18 -9.46 12.24 -24.65
CA ALA C 18 -10.17 13.50 -24.31
C ALA C 18 -9.94 14.52 -25.43
N LEU C 19 -10.99 15.25 -25.76
CA LEU C 19 -10.90 16.34 -26.71
C LEU C 19 -11.65 17.50 -26.16
N SER C 20 -11.00 18.66 -26.19
CA SER C 20 -11.62 19.90 -25.77
C SER C 20 -11.50 20.91 -26.94
N VAL C 21 -12.62 21.46 -27.39
CA VAL C 21 -12.66 22.37 -28.49
C VAL C 21 -13.48 23.60 -28.13
N SER C 22 -12.98 24.76 -28.52
CA SER C 22 -13.75 25.98 -28.41
C SER C 22 -13.76 26.70 -29.74
N VAL C 23 -14.95 27.13 -30.15
CA VAL C 23 -15.15 27.82 -31.41
C VAL C 23 -15.94 29.09 -31.22
N THR C 24 -15.37 30.20 -31.66
CA THR C 24 -16.03 31.49 -31.60
C THR C 24 -16.11 32.15 -32.99
N ILE C 25 -17.31 32.64 -33.30
CA ILE C 25 -17.59 33.35 -34.55
C ILE C 25 -18.57 34.47 -34.24
N LYS C 26 -18.20 35.70 -34.63
CA LYS C 26 -19.07 36.87 -34.48
C LYS C 26 -19.58 37.03 -33.04
N GLY C 27 -18.72 36.78 -32.07
CA GLY C 27 -19.09 36.98 -30.67
C GLY C 27 -19.94 35.86 -30.07
N VAL C 28 -20.10 34.77 -30.81
CA VAL C 28 -20.84 33.61 -30.31
C VAL C 28 -19.86 32.45 -30.14
N ARG C 29 -19.87 31.84 -28.95
CA ARG C 29 -18.82 30.83 -28.66
C ARG C 29 -19.43 29.53 -28.19
N GLN C 30 -19.03 28.42 -28.78
CA GLN C 30 -19.52 27.10 -28.35
C GLN C 30 -18.34 26.28 -27.89
N ARG C 31 -18.56 25.50 -26.84
CA ARG C 31 -17.52 24.61 -26.29
C ARG C 31 -17.86 23.17 -26.52
N PHE C 32 -16.84 22.35 -26.72
CA PHE C 32 -17.04 20.92 -26.91
C PHE C 32 -16.03 20.17 -26.04
N VAL C 33 -16.51 19.60 -24.95
CA VAL C 33 -15.64 18.91 -23.98
C VAL C 33 -16.02 17.45 -23.92
N TYR C 34 -15.15 16.57 -24.43
CA TYR C 34 -15.46 15.16 -24.56
C TYR C 34 -14.38 14.26 -23.98
N GLY C 35 -14.77 13.04 -23.60
CA GLY C 35 -13.83 12.01 -23.21
C GLY C 35 -13.33 12.05 -21.78
N VAL C 36 -12.32 11.23 -21.50
CA VAL C 36 -11.74 11.11 -20.17
C VAL C 36 -10.28 11.55 -20.17
N ALA C 37 -9.93 12.39 -19.20
CA ALA C 37 -8.58 12.89 -19.07
C ALA C 37 -7.64 11.77 -18.62
N ASP C 38 -8.19 10.79 -17.90
CA ASP C 38 -7.38 9.62 -17.51
C ASP C 38 -8.19 8.35 -17.64
N VAL C 39 -7.81 7.51 -18.59
CA VAL C 39 -8.62 6.33 -18.92
C VAL C 39 -8.69 5.40 -17.70
N ALA C 40 -7.56 5.15 -17.07
CA ALA C 40 -7.53 4.08 -16.05
C ALA C 40 -8.34 4.51 -14.84
N SER C 41 -8.11 5.73 -14.37
CA SER C 41 -8.78 6.21 -13.18
C SER C 41 -10.18 6.80 -13.48
N GLN C 42 -10.61 6.73 -14.75
CA GLN C 42 -11.93 7.24 -15.20
C GLN C 42 -12.21 8.72 -14.84
N LYS C 43 -11.16 9.53 -14.85
CA LYS C 43 -11.34 10.92 -14.56
C LYS C 43 -11.82 11.62 -15.85
N ALA C 44 -13.03 12.15 -15.80
CA ALA C 44 -13.65 12.79 -16.95
C ALA C 44 -12.93 14.10 -17.30
N ASN C 45 -12.80 14.36 -18.60
CA ASN C 45 -12.27 15.63 -19.03
C ASN C 45 -13.24 16.73 -18.63
N THR C 46 -12.73 17.81 -18.07
CA THR C 46 -13.60 18.95 -17.70
C THR C 46 -12.93 20.24 -18.18
N LEU C 47 -13.61 21.36 -17.97
CA LEU C 47 -13.08 22.65 -18.35
C LEU C 47 -11.79 22.95 -17.63
N ASP C 48 -11.55 22.33 -16.47
CA ASP C 48 -10.28 22.53 -15.76
C ASP C 48 -9.11 21.69 -16.19
N THR C 49 -9.36 20.74 -17.08
CA THR C 49 -8.31 19.81 -17.51
C THR C 49 -7.17 20.55 -18.19
N VAL C 50 -5.94 20.23 -17.80
CA VAL C 50 -4.77 20.90 -18.30
C VAL C 50 -4.11 20.07 -19.39
N TYR C 51 -3.71 20.73 -20.47
CA TYR C 51 -3.10 20.09 -21.63
C TYR C 51 -1.78 20.75 -22.01
N GLU C 52 -0.81 19.95 -22.45
CA GLU C 52 0.40 20.48 -23.05
C GLU C 52 0.06 21.09 -24.41
N LEU C 53 0.64 22.26 -24.71
CA LEU C 53 0.34 22.96 -25.96
C LEU C 53 1.27 22.60 -27.12
N GLY C 54 2.27 21.77 -26.87
CA GLY C 54 3.29 21.51 -27.85
C GLY C 54 3.72 22.82 -28.54
N SER C 55 3.81 22.77 -29.86
CA SER C 55 4.35 23.87 -30.66
C SER C 55 3.49 25.13 -30.59
N MET C 56 2.27 24.99 -30.09
CA MET C 56 1.46 26.18 -29.85
C MET C 56 2.03 27.02 -28.69
N SER C 57 3.02 26.47 -28.00
CA SER C 57 3.82 27.24 -27.03
C SER C 57 4.59 28.35 -27.72
N LYS C 58 4.94 28.14 -28.99
CA LYS C 58 5.82 29.07 -29.72
C LYS C 58 5.21 30.46 -29.89
N ALA C 59 3.91 30.55 -30.05
CA ALA C 59 3.29 31.88 -30.11
C ALA C 59 3.45 32.71 -28.83
N PHE C 60 3.58 32.04 -27.68
CA PHE C 60 3.72 32.75 -26.38
C PHE C 60 5.17 33.26 -26.37
N THR C 61 6.11 32.38 -26.71
CA THR C 61 7.52 32.70 -26.80
C THR C 61 7.73 33.83 -27.81
N GLY C 62 7.04 33.74 -28.95
CA GLY C 62 7.28 34.71 -30.02
C GLY C 62 6.75 36.07 -29.63
N LEU C 63 5.58 36.07 -29.00
CA LEU C 63 4.99 37.30 -28.60
C LEU C 63 5.90 37.99 -27.57
N VAL C 64 6.45 37.22 -26.64
CA VAL C 64 7.32 37.82 -25.63
C VAL C 64 8.54 38.41 -26.31
N VAL C 65 9.12 37.67 -27.26
CA VAL C 65 10.25 38.21 -28.06
C VAL C 65 9.88 39.56 -28.72
N GLN C 66 8.65 39.67 -29.25
CA GLN C 66 8.23 40.90 -29.92
C GLN C 66 7.93 41.98 -28.89
N ILE C 67 7.60 41.57 -27.66
CA ILE C 67 7.47 42.54 -26.56
C ILE C 67 8.81 43.21 -26.25
N LEU C 68 9.85 42.41 -26.11
CA LEU C 68 11.19 42.89 -25.85
C LEU C 68 11.63 43.77 -27.00
N ILE C 69 11.47 43.32 -28.26
CA ILE C 69 11.70 44.19 -29.41
C ILE C 69 10.94 45.52 -29.37
N GLN C 70 9.65 45.50 -29.07
CA GLN C 70 8.89 46.74 -28.99
C GLN C 70 9.45 47.69 -27.91
N GLU C 71 10.06 47.13 -26.87
CA GLU C 71 10.48 47.94 -25.72
C GLU C 71 11.88 48.46 -25.95
N GLY C 72 12.47 48.03 -27.05
CA GLY C 72 13.78 48.51 -27.45
C GLY C 72 14.91 47.70 -26.86
N ARG C 73 14.60 46.60 -26.19
CA ARG C 73 15.63 45.80 -25.49
C ARG C 73 16.28 44.77 -26.36
N LEU C 74 15.77 44.61 -27.58
CA LEU C 74 16.19 43.51 -28.43
C LEU C 74 15.87 43.91 -29.86
N ARG C 75 16.60 43.35 -30.81
CA ARG C 75 16.25 43.51 -32.21
C ARG C 75 16.42 42.23 -33.03
N GLN C 76 15.51 42.01 -33.99
CA GLN C 76 15.54 40.83 -34.86
C GLN C 76 16.85 40.61 -35.53
N GLY C 77 17.47 41.70 -35.98
CA GLY C 77 18.81 41.60 -36.60
C GLY C 77 20.02 41.39 -35.69
N ASP C 78 19.84 41.43 -34.38
CA ASP C 78 20.97 41.19 -33.46
C ASP C 78 21.60 39.83 -33.67
N ASP C 79 22.93 39.81 -33.60
CA ASP C 79 23.71 38.59 -33.63
C ASP C 79 23.37 37.74 -32.42
N ILE C 80 23.09 36.46 -32.67
CA ILE C 80 22.67 35.57 -31.59
C ILE C 80 23.76 35.54 -30.51
N ILE C 81 25.01 35.74 -30.94
CA ILE C 81 26.20 35.56 -30.13
C ILE C 81 26.14 36.50 -28.93
N THR C 82 25.49 37.65 -29.06
CA THR C 82 25.51 38.49 -27.89
C THR C 82 24.72 37.91 -26.73
N TYR C 83 23.67 37.13 -27.01
CA TYR C 83 22.87 36.58 -25.95
C TYR C 83 23.30 35.16 -25.61
N LEU C 84 23.87 34.44 -26.57
CA LEU C 84 24.31 33.07 -26.35
C LEU C 84 25.74 32.89 -26.86
N PRO C 85 26.71 33.44 -26.11
CA PRO C 85 28.10 33.55 -26.58
C PRO C 85 28.70 32.18 -26.90
N GLU C 86 28.34 31.18 -26.12
CA GLU C 86 28.94 29.86 -26.25
C GLU C 86 28.41 29.07 -27.46
N MET C 87 27.25 29.48 -27.94
CA MET C 87 26.70 28.82 -29.09
C MET C 87 27.68 29.12 -30.21
N ARG C 88 28.12 28.05 -30.86
CA ARG C 88 28.91 28.15 -32.07
C ARG C 88 28.40 27.11 -33.05
N LEU C 89 27.92 27.57 -34.21
CA LEU C 89 27.39 26.65 -35.19
C LEU C 89 28.10 26.85 -36.52
N ASN C 90 28.21 25.78 -37.29
CA ASN C 90 29.00 25.79 -38.51
C ASN C 90 28.19 25.45 -39.75
N TYR C 91 28.52 26.12 -40.84
CA TYR C 91 28.02 25.76 -42.15
C TYR C 91 29.11 25.52 -43.18
N GLN C 92 29.19 24.25 -43.62
CA GLN C 92 30.21 23.78 -44.56
C GLN C 92 31.51 23.70 -43.76
N GLY C 93 32.53 24.37 -44.29
CA GLY C 93 33.83 24.55 -43.65
C GLY C 93 33.98 25.45 -42.45
N LYS C 94 33.22 26.55 -42.44
CA LYS C 94 33.38 27.60 -41.43
C LYS C 94 32.10 27.98 -40.72
N PRO C 95 32.24 28.55 -39.52
CA PRO C 95 31.08 28.75 -38.64
C PRO C 95 30.11 29.75 -39.26
N ALA C 96 28.83 29.60 -38.95
CA ALA C 96 27.79 30.40 -39.59
C ALA C 96 27.26 31.53 -38.72
N SER C 97 27.21 32.73 -39.30
CA SER C 97 26.68 33.90 -38.64
C SER C 97 25.17 33.76 -38.49
N LEU C 98 24.65 34.00 -37.28
CA LEU C 98 23.22 33.79 -37.00
C LEU C 98 22.57 34.93 -36.25
N THR C 99 21.30 35.21 -36.57
CA THR C 99 20.55 36.28 -35.91
C THR C 99 19.34 35.79 -35.10
N VAL C 100 18.77 36.66 -34.27
CA VAL C 100 17.55 36.35 -33.53
C VAL C 100 16.43 36.01 -34.50
N ALA C 101 16.33 36.78 -35.60
CA ALA C 101 15.40 36.46 -36.70
C ALA C 101 15.53 35.03 -37.26
N ASP C 102 16.72 34.48 -37.33
CA ASP C 102 16.83 33.12 -37.87
C ASP C 102 16.09 32.07 -37.05
N PHE C 103 16.01 32.31 -35.73
CA PHE C 103 15.31 31.37 -34.85
C PHE C 103 13.84 31.67 -34.86
N LEU C 104 13.47 32.94 -34.92
CA LEU C 104 12.06 33.31 -34.92
C LEU C 104 11.34 32.75 -36.14
N TYR C 105 12.00 32.80 -37.28
CA TYR C 105 11.38 32.37 -38.54
C TYR C 105 11.80 31.00 -39.07
N HIS C 106 12.56 30.25 -38.29
CA HIS C 106 13.02 28.93 -38.73
C HIS C 106 13.89 28.97 -40.00
N THR C 107 14.83 29.90 -40.01
CA THR C 107 15.74 29.95 -41.14
C THR C 107 17.17 29.73 -40.65
N SER C 108 17.33 28.95 -39.59
CA SER C 108 18.60 28.84 -38.86
C SER C 108 19.47 27.75 -39.43
N GLY C 109 18.83 26.66 -39.85
CA GLY C 109 19.57 25.56 -40.42
C GLY C 109 19.87 24.43 -39.47
N LEU C 110 19.37 24.49 -38.23
CA LEU C 110 19.58 23.41 -37.24
C LEU C 110 19.11 22.03 -37.69
N PRO C 111 19.97 21.00 -37.55
CA PRO C 111 19.64 19.62 -37.95
C PRO C 111 18.42 19.09 -37.21
N PHE C 112 17.62 18.24 -37.87
CA PHE C 112 16.30 17.82 -37.34
C PHE C 112 16.40 17.03 -36.05
N SER C 113 17.54 16.33 -35.92
CA SER C 113 17.96 15.63 -34.69
C SER C 113 18.00 16.52 -33.44
N THR C 114 18.09 17.84 -33.63
CA THR C 114 18.17 18.81 -32.53
C THR C 114 16.87 18.84 -31.72
N LEU C 115 15.82 18.20 -32.26
CA LEU C 115 14.55 18.02 -31.53
C LEU C 115 14.60 16.91 -30.48
N ALA C 116 14.94 15.68 -30.89
CA ALA C 116 15.09 14.55 -29.96
C ALA C 116 16.17 14.79 -28.91
N ARG C 117 17.17 15.60 -29.27
CA ARG C 117 18.19 16.13 -28.35
C ARG C 117 17.73 17.17 -27.32
N LEU C 118 16.92 18.12 -27.76
CA LEU C 118 16.38 19.19 -26.87
C LEU C 118 15.23 18.72 -25.95
N GLU C 119 14.57 17.63 -26.33
CA GLU C 119 13.53 16.98 -25.53
C GLU C 119 14.12 16.14 -24.39
N ASN C 120 15.43 15.87 -24.52
CA ASN C 120 16.21 15.04 -23.59
C ASN C 120 16.53 15.81 -22.29
N PRO C 121 16.09 15.32 -21.14
CA PRO C 121 16.34 16.07 -19.91
C PRO C 121 17.76 15.76 -19.44
N SER C 125 23.79 21.31 -18.90
CA SER C 125 24.02 22.54 -19.66
C SER C 125 22.82 23.27 -20.27
N ALA C 126 23.00 24.59 -20.41
CA ALA C 126 22.08 25.45 -21.11
C ALA C 126 22.15 25.03 -22.57
N VAL C 127 21.23 25.54 -23.38
CA VAL C 127 21.11 25.08 -24.75
C VAL C 127 22.33 25.42 -25.61
N ALA C 128 22.90 26.60 -25.44
CA ALA C 128 24.01 26.99 -26.31
C ALA C 128 25.17 25.99 -26.26
N GLN C 129 25.39 25.41 -25.08
CA GLN C 129 26.37 24.34 -24.92
C GLN C 129 25.74 23.04 -25.39
N GLN C 130 24.41 22.94 -25.27
CA GLN C 130 23.68 21.82 -25.87
C GLN C 130 23.81 21.79 -27.41
N LEU C 131 23.72 22.95 -28.05
CA LEU C 131 23.76 23.04 -29.51
C LEU C 131 25.15 23.33 -30.06
N ARG C 132 26.15 23.32 -29.18
CA ARG C 132 27.52 23.67 -29.53
C ARG C 132 28.13 22.70 -30.53
N ASN C 133 28.83 23.24 -31.53
CA ASN C 133 29.45 22.45 -32.61
C ASN C 133 28.49 21.65 -33.52
N GLU C 134 27.36 22.25 -33.85
CA GLU C 134 26.34 21.64 -34.68
C GLU C 134 26.61 21.96 -36.15
N ASN C 135 26.07 21.14 -37.05
CA ASN C 135 26.27 21.36 -38.47
C ASN C 135 25.00 21.80 -39.17
N LEU C 136 24.99 23.04 -39.64
CA LEU C 136 23.79 23.60 -40.27
C LEU C 136 23.42 22.93 -41.60
N LEU C 137 22.12 22.80 -41.83
CA LEU C 137 21.59 22.17 -43.04
C LEU C 137 21.72 23.06 -44.25
N PHE C 138 21.90 24.35 -44.01
CA PHE C 138 21.98 25.33 -45.07
C PHE C 138 22.48 26.63 -44.44
N ALA C 139 22.67 27.65 -45.25
CA ALA C 139 23.21 28.91 -44.75
C ALA C 139 22.08 29.65 -44.04
N PRO C 140 22.36 30.27 -42.88
CA PRO C 140 21.32 31.02 -42.19
C PRO C 140 20.56 31.92 -43.15
N GLY C 141 19.24 31.89 -43.09
CA GLY C 141 18.44 32.76 -43.94
C GLY C 141 18.09 32.19 -45.30
N ALA C 142 18.77 31.13 -45.71
CA ALA C 142 18.61 30.61 -47.06
C ALA C 142 17.24 29.99 -47.32
N LYS C 143 16.73 29.27 -46.33
CA LYS C 143 15.48 28.54 -46.50
C LYS C 143 14.69 28.52 -45.20
N PHE C 144 13.39 28.30 -45.31
CA PHE C 144 12.62 28.02 -44.12
C PHE C 144 12.54 26.51 -43.86
N SER C 145 13.06 26.07 -42.71
CA SER C 145 12.94 24.68 -42.26
C SER C 145 12.51 24.64 -40.80
N TYR C 146 11.38 24.02 -40.54
CA TYR C 146 10.80 24.05 -39.22
C TYR C 146 11.62 23.21 -38.25
N ALA C 147 12.07 23.78 -37.14
CA ALA C 147 12.83 23.03 -36.14
C ALA C 147 12.46 23.53 -34.75
N SER C 148 11.80 22.65 -33.99
CA SER C 148 11.19 23.05 -32.74
C SER C 148 12.23 23.73 -31.87
N ALA C 149 13.47 23.27 -31.98
CA ALA C 149 14.57 23.83 -31.18
C ALA C 149 14.82 25.34 -31.36
N ASN C 150 14.41 25.90 -32.50
CA ASN C 150 14.70 27.30 -32.77
C ASN C 150 14.11 28.18 -31.66
N TYR C 151 12.93 27.82 -31.20
CA TYR C 151 12.25 28.59 -30.15
C TYR C 151 12.84 28.34 -28.75
N ASP C 152 13.49 27.19 -28.58
CA ASP C 152 14.23 26.93 -27.36
C ASP C 152 15.38 27.91 -27.26
N VAL C 153 16.04 28.15 -28.39
CA VAL C 153 17.06 29.20 -28.46
C VAL C 153 16.42 30.53 -28.07
N LEU C 154 15.18 30.77 -28.51
CA LEU C 154 14.53 32.02 -28.17
C LEU C 154 14.19 32.12 -26.68
N GLY C 155 13.85 30.98 -26.06
CA GLY C 155 13.69 30.97 -24.61
C GLY C 155 14.94 31.46 -23.87
N ALA C 156 16.10 30.95 -24.25
CA ALA C 156 17.39 31.38 -23.67
C ALA C 156 17.69 32.88 -23.91
N VAL C 157 17.38 33.36 -25.11
CA VAL C 157 17.47 34.79 -25.36
C VAL C 157 16.63 35.61 -24.41
N ILE C 158 15.41 35.17 -24.16
CA ILE C 158 14.51 35.93 -23.31
C ILE C 158 15.07 35.98 -21.89
N GLU C 159 15.63 34.88 -21.43
CA GLU C 159 16.19 34.82 -20.06
C GLU C 159 17.41 35.71 -19.94
N ASN C 160 18.30 35.61 -20.92
CA ASN C 160 19.48 36.45 -20.96
C ASN C 160 19.15 37.94 -21.01
N VAL C 161 18.20 38.34 -21.84
CA VAL C 161 17.76 39.74 -21.86
C VAL C 161 17.03 40.15 -20.58
N THR C 162 16.11 39.29 -20.15
CA THR C 162 15.28 39.57 -18.96
C THR C 162 16.00 39.59 -17.62
N GLY C 163 16.93 38.65 -17.43
CA GLY C 163 17.52 38.45 -16.13
C GLY C 163 16.60 37.62 -15.25
N LYS C 164 15.54 37.09 -15.85
CA LYS C 164 14.53 36.30 -15.15
C LYS C 164 14.28 35.00 -15.91
N THR C 165 13.78 33.98 -15.23
CA THR C 165 13.60 32.70 -15.89
C THR C 165 12.43 32.80 -16.86
N PHE C 166 12.42 31.89 -17.82
CA PHE C 166 11.33 31.83 -18.76
C PHE C 166 9.95 31.80 -18.11
N THR C 167 9.77 30.92 -17.11
CA THR C 167 8.47 30.86 -16.42
C THR C 167 8.04 32.21 -15.88
N GLU C 168 9.00 32.92 -15.28
CA GLU C 168 8.69 34.23 -14.67
C GLU C 168 8.29 35.26 -15.72
N VAL C 169 8.96 35.25 -16.87
CA VAL C 169 8.68 36.29 -17.88
C VAL C 169 7.29 36.01 -18.45
N ILE C 170 7.04 34.73 -18.73
CA ILE C 170 5.75 34.30 -19.28
C ILE C 170 4.63 34.73 -18.36
N ALA C 171 4.81 34.49 -17.06
CA ALA C 171 3.77 34.83 -16.09
C ALA C 171 3.62 36.33 -16.00
N GLU C 172 4.75 37.02 -15.90
CA GLU C 172 4.67 38.44 -15.63
C GLU C 172 4.21 39.24 -16.85
N ARG C 173 4.72 38.91 -18.04
CA ARG C 173 4.37 39.63 -19.27
C ARG C 173 3.04 39.22 -19.89
N LEU C 174 2.71 37.93 -19.83
CA LEU C 174 1.52 37.44 -20.54
C LEU C 174 0.39 36.86 -19.67
N THR C 175 0.70 35.84 -18.88
CA THR C 175 -0.33 35.10 -18.15
C THR C 175 -1.08 35.94 -17.12
N GLN C 176 -0.36 36.77 -16.40
CA GLN C 176 -0.92 37.58 -15.30
C GLN C 176 -1.69 38.75 -15.86
N PRO C 177 -1.06 39.54 -16.76
CA PRO C 177 -1.86 40.68 -17.24
C PRO C 177 -3.09 40.23 -18.03
N LEU C 178 -3.01 39.09 -18.73
CA LEU C 178 -4.17 38.60 -19.53
C LEU C 178 -5.21 37.88 -18.68
N GLY C 179 -4.84 37.49 -17.47
CA GLY C 179 -5.81 36.80 -16.60
C GLY C 179 -5.88 35.31 -16.86
N MET C 180 -4.86 34.77 -17.53
CA MET C 180 -4.80 33.33 -17.79
C MET C 180 -4.19 32.61 -16.60
N SER C 181 -5.03 32.35 -15.61
CA SER C 181 -4.60 31.78 -14.33
C SER C 181 -4.00 30.38 -14.43
N ALA C 182 -4.59 29.52 -15.26
CA ALA C 182 -4.23 28.13 -15.26
C ALA C 182 -3.15 27.81 -16.30
N THR C 183 -2.52 28.87 -16.81
CA THR C 183 -1.50 28.72 -17.87
C THR C 183 -0.09 28.88 -17.34
N VAL C 184 0.80 27.92 -17.59
CA VAL C 184 2.11 27.99 -17.01
C VAL C 184 3.18 27.37 -17.89
N ALA C 185 4.40 27.91 -17.81
CA ALA C 185 5.54 27.28 -18.45
C ALA C 185 6.26 26.50 -17.38
N VAL C 186 6.34 25.17 -17.56
CA VAL C 186 6.83 24.28 -16.51
C VAL C 186 8.34 24.43 -16.33
N LYS C 187 8.80 24.26 -15.08
CA LYS C 187 10.22 24.30 -14.74
C LYS C 187 10.84 22.92 -14.95
N GLY C 188 9.97 21.91 -15.00
CA GLY C 188 10.39 20.55 -15.32
C GLY C 188 9.32 19.57 -14.92
N ASP C 189 9.75 18.51 -14.22
CA ASP C 189 8.86 17.48 -13.71
C ASP C 189 8.33 17.85 -12.33
N GLU C 190 7.38 18.78 -12.30
CA GLU C 190 6.65 19.12 -11.08
C GLU C 190 5.18 18.90 -11.40
N ILE C 191 4.44 18.39 -10.43
CA ILE C 191 3.06 17.98 -10.68
C ILE C 191 2.13 19.16 -10.93
N ILE C 192 1.33 19.03 -11.99
CA ILE C 192 0.32 20.03 -12.31
C ILE C 192 -1.02 19.40 -11.98
N VAL C 193 -1.73 20.06 -11.08
CA VAL C 193 -3.02 19.61 -10.65
C VAL C 193 -3.96 19.81 -11.86
N ASN C 194 -4.80 18.82 -12.14
CA ASN C 194 -5.74 18.90 -13.24
C ASN C 194 -5.12 18.57 -14.59
N LYS C 195 -3.85 18.19 -14.60
CA LYS C 195 -3.21 17.83 -15.88
C LYS C 195 -3.73 16.51 -16.43
N ALA C 196 -4.16 16.51 -17.69
CA ALA C 196 -4.61 15.29 -18.34
C ALA C 196 -3.44 14.35 -18.59
N SER C 197 -3.67 13.05 -18.43
CA SER C 197 -2.67 12.05 -18.78
C SER C 197 -2.49 12.03 -20.29
N GLY C 198 -1.26 11.83 -20.74
CA GLY C 198 -0.99 11.78 -22.17
C GLY C 198 -0.83 10.39 -22.75
N TYR C 199 -1.35 10.18 -23.95
CA TYR C 199 -1.32 8.86 -24.58
C TYR C 199 -0.68 8.87 -25.96
N LYS C 200 0.04 7.80 -26.27
CA LYS C 200 0.63 7.63 -27.60
C LYS C 200 -0.10 6.50 -28.31
N LEU C 201 -0.58 6.76 -29.53
CA LEU C 201 -1.24 5.71 -30.30
C LEU C 201 -0.24 4.60 -30.60
N GLY C 202 -0.51 3.42 -30.05
CA GLY C 202 0.36 2.27 -30.23
C GLY C 202 -0.35 1.06 -30.78
N LYS C 205 -3.69 3.40 -27.54
CA LYS C 205 -3.35 4.56 -26.73
C LYS C 205 -2.91 4.15 -25.33
N PRO C 206 -1.66 3.70 -25.21
CA PRO C 206 -1.09 3.26 -23.93
C PRO C 206 -0.33 4.43 -23.31
N VAL C 207 -0.64 4.77 -22.08
CA VAL C 207 -0.10 5.97 -21.45
C VAL C 207 1.41 6.06 -21.67
N LEU C 208 1.86 7.24 -22.10
CA LEU C 208 3.29 7.48 -22.33
C LEU C 208 3.88 8.60 -21.47
N PHE C 209 3.06 9.20 -20.62
CA PHE C 209 3.45 10.35 -19.83
C PHE C 209 4.68 10.27 -18.92
N HIS C 210 4.83 9.08 -18.27
CA HIS C 210 5.84 8.96 -17.25
C HIS C 210 7.16 9.64 -17.46
N ALA C 211 7.61 9.72 -18.71
CA ALA C 211 8.87 10.41 -19.01
C ALA C 211 8.89 11.91 -18.64
N PRO C 212 10.03 12.33 -18.11
CA PRO C 212 10.33 13.68 -17.64
C PRO C 212 10.46 14.74 -18.74
N LEU C 213 10.04 15.97 -18.43
CA LEU C 213 10.14 17.11 -19.36
C LEU C 213 11.44 17.90 -19.20
N ALA C 214 12.21 17.99 -20.28
CA ALA C 214 13.40 18.82 -20.31
C ALA C 214 13.04 20.31 -20.21
N ARG C 215 13.63 20.99 -19.22
CA ARG C 215 13.41 22.44 -19.02
C ARG C 215 13.72 23.28 -20.27
N ASN C 216 14.86 22.99 -20.93
CA ASN C 216 15.31 23.71 -22.13
C ASN C 216 14.32 23.76 -23.27
N HIS C 217 13.47 22.73 -23.34
CA HIS C 217 12.48 22.59 -24.40
C HIS C 217 11.14 23.27 -24.10
N VAL C 218 10.98 23.83 -22.90
CA VAL C 218 9.65 24.37 -22.52
C VAL C 218 9.14 25.43 -23.50
N PRO C 219 9.99 26.40 -23.91
CA PRO C 219 9.55 27.52 -24.81
C PRO C 219 9.06 27.11 -26.20
N ALA C 220 9.60 26.03 -26.72
CA ALA C 220 9.12 25.39 -27.94
C ALA C 220 7.87 24.51 -27.79
N ALA C 221 7.77 23.75 -26.70
CA ALA C 221 6.72 22.73 -26.58
C ALA C 221 5.94 22.55 -25.25
N TYR C 222 6.52 23.00 -24.14
CA TYR C 222 5.94 22.70 -22.84
C TYR C 222 5.24 23.78 -22.03
N ILE C 223 4.38 24.61 -22.70
CA ILE C 223 3.53 25.54 -22.03
C ILE C 223 2.28 24.69 -21.79
N HIS C 224 1.70 24.83 -20.61
CA HIS C 224 0.50 24.07 -20.23
C HIS C 224 -0.67 25.05 -20.16
N SER C 225 -1.85 24.62 -20.59
CA SER C 225 -2.99 25.53 -20.51
C SER C 225 -4.32 24.82 -20.46
N THR C 226 -5.42 25.57 -20.39
CA THR C 226 -6.75 25.00 -20.35
C THR C 226 -7.60 25.59 -21.47
N LEU C 227 -8.73 24.96 -21.79
CA LEU C 227 -9.69 25.54 -22.72
C LEU C 227 -10.09 26.98 -22.39
N PRO C 228 -10.58 27.24 -21.17
CA PRO C 228 -10.89 28.63 -20.84
C PRO C 228 -9.69 29.59 -20.96
N ASP C 229 -8.49 29.20 -20.54
CA ASP C 229 -7.39 30.13 -20.76
C ASP C 229 -7.09 30.32 -22.25
N MET C 230 -7.32 29.30 -23.07
CA MET C 230 -6.95 29.46 -24.48
C MET C 230 -7.98 30.30 -25.15
N GLU C 231 -9.20 30.27 -24.61
CA GLU C 231 -10.20 31.20 -25.04
C GLU C 231 -9.78 32.61 -24.74
N ILE C 232 -9.16 32.85 -23.60
CA ILE C 232 -8.78 34.22 -23.26
C ILE C 232 -7.68 34.65 -24.23
N TRP C 233 -6.79 33.71 -24.55
CA TRP C 233 -5.67 34.01 -25.40
C TRP C 233 -6.22 34.41 -26.79
N ILE C 234 -7.13 33.59 -27.33
CA ILE C 234 -7.80 33.88 -28.60
C ILE C 234 -8.47 35.27 -28.60
N ASP C 235 -9.20 35.59 -27.53
CA ASP C 235 -9.92 36.83 -27.46
C ASP C 235 -8.95 38.03 -27.40
N ALA C 236 -7.80 37.85 -26.76
CA ALA C 236 -6.77 38.88 -26.70
C ALA C 236 -6.19 39.20 -28.08
N TRP C 237 -5.87 38.15 -28.84
CA TRP C 237 -5.40 38.33 -30.20
C TRP C 237 -6.53 38.90 -31.12
N LEU C 238 -7.78 38.48 -30.93
CA LEU C 238 -8.89 39.06 -31.71
C LEU C 238 -9.32 40.50 -31.31
N HIS C 239 -9.17 40.87 -30.04
CA HIS C 239 -9.53 42.22 -29.57
C HIS C 239 -8.41 42.84 -28.79
N ARG C 240 -7.73 43.80 -29.39
CA ARG C 240 -6.54 44.38 -28.78
C ARG C 240 -6.81 45.71 -28.06
N LYS C 241 -8.03 46.20 -28.22
CA LYS C 241 -8.41 47.53 -27.72
C LYS C 241 -8.16 47.68 -26.24
N ALA C 242 -8.57 46.68 -25.46
CA ALA C 242 -8.36 46.74 -24.01
C ALA C 242 -6.87 46.72 -23.69
N LEU C 243 -6.08 46.15 -24.60
CA LEU C 243 -4.67 45.88 -24.34
C LEU C 243 -3.80 47.14 -24.41
N PRO C 244 -2.79 47.21 -23.55
CA PRO C 244 -1.85 48.32 -23.57
C PRO C 244 -1.08 48.41 -24.89
N ALA C 245 -0.60 49.60 -25.21
CA ALA C 245 0.00 49.84 -26.52
C ALA C 245 1.21 48.97 -26.86
N THR C 246 2.06 48.70 -25.88
CA THR C 246 3.24 47.92 -26.19
C THR C 246 2.85 46.50 -26.62
N LEU C 247 1.78 45.97 -26.04
CA LEU C 247 1.34 44.61 -26.31
C LEU C 247 0.62 44.61 -27.64
N ARG C 248 -0.11 45.67 -27.92
CA ARG C 248 -0.83 45.82 -29.15
C ARG C 248 0.13 45.82 -30.35
N GLU C 249 1.22 46.55 -30.21
CA GLU C 249 2.24 46.69 -31.25
C GLU C 249 3.03 45.41 -31.42
N ALA C 250 3.38 44.79 -30.31
CA ALA C 250 4.05 43.51 -30.33
C ALA C 250 3.19 42.47 -31.05
N MET C 251 1.89 42.46 -30.78
CA MET C 251 0.95 41.54 -31.44
C MET C 251 0.86 41.75 -32.98
N SER C 252 0.73 43.01 -33.43
CA SER C 252 0.83 43.30 -34.89
C SER C 252 2.08 42.77 -35.52
N ASN C 253 3.23 43.05 -34.91
CA ASN C 253 4.54 42.55 -35.38
C ASN C 253 4.66 41.02 -35.33
N SER C 254 3.92 40.40 -34.41
CA SER C 254 4.02 38.95 -34.30
C SER C 254 3.37 38.24 -35.47
N TRP C 255 2.48 38.91 -36.17
CA TRP C 255 1.73 38.25 -37.24
C TRP C 255 2.36 38.61 -38.60
N ARG C 256 3.54 39.21 -38.55
CA ARG C 256 4.22 39.57 -39.78
C ARG C 256 5.04 38.41 -40.29
N GLY C 257 4.62 37.77 -41.39
CA GLY C 257 5.36 36.62 -41.88
C GLY C 257 6.71 36.96 -42.54
N ASN C 258 7.64 36.04 -42.49
CA ASN C 258 8.91 36.25 -43.16
C ASN C 258 8.82 35.87 -44.61
N SER C 259 8.81 36.86 -45.49
CA SER C 259 8.66 36.61 -46.91
C SER C 259 10.00 36.30 -47.57
N ASP C 260 11.11 36.47 -46.85
CA ASP C 260 12.42 36.33 -47.47
C ASP C 260 12.97 34.90 -47.56
N VAL C 261 12.13 33.94 -47.96
CA VAL C 261 12.54 32.53 -48.09
C VAL C 261 11.87 32.01 -49.37
N PRO C 262 12.43 30.95 -49.97
CA PRO C 262 11.84 30.24 -51.09
C PRO C 262 10.53 29.61 -50.67
N LEU C 263 9.58 29.62 -51.61
CA LEU C 263 8.24 29.11 -51.38
C LEU C 263 8.01 28.02 -52.42
N ALA C 264 7.38 26.94 -51.98
CA ALA C 264 7.03 25.81 -52.82
C ALA C 264 5.86 26.17 -53.74
N ALA C 265 5.68 25.38 -54.80
CA ALA C 265 4.62 25.63 -55.75
C ALA C 265 3.24 25.54 -55.07
N ASP C 266 3.06 24.58 -54.17
CA ASP C 266 1.80 24.42 -53.44
C ASP C 266 1.67 25.08 -52.04
N ASN C 267 2.75 25.60 -51.49
CA ASN C 267 2.75 26.35 -50.23
C ASN C 267 3.46 27.70 -50.26
N ARG C 268 2.72 28.78 -50.01
CA ARG C 268 3.29 30.12 -49.92
C ARG C 268 3.10 30.75 -48.53
N ILE C 269 2.64 29.93 -47.61
CA ILE C 269 2.34 30.39 -46.29
C ILE C 269 3.66 30.86 -45.71
N LEU C 270 3.59 31.94 -44.94
CA LEU C 270 4.78 32.49 -44.34
C LEU C 270 4.74 32.17 -42.86
N TYR C 271 5.91 31.98 -42.27
CA TYR C 271 5.98 31.88 -40.82
C TYR C 271 6.25 33.23 -40.16
N ALA C 272 5.39 33.54 -39.19
CA ALA C 272 5.47 34.71 -38.31
C ALA C 272 6.03 34.29 -36.95
N SER C 273 5.87 35.14 -35.93
CA SER C 273 6.47 34.80 -34.62
C SER C 273 5.65 33.72 -33.89
N GLY C 274 5.83 32.47 -34.31
CA GLY C 274 5.08 31.36 -33.73
C GLY C 274 3.69 31.18 -34.31
N TRP C 275 3.49 31.63 -35.55
CA TRP C 275 2.24 31.42 -36.30
C TRP C 275 2.50 31.26 -37.83
N PHE C 276 1.66 30.48 -38.51
CA PHE C 276 1.68 30.41 -39.96
C PHE C 276 0.67 31.46 -40.40
N ILE C 277 1.04 32.25 -41.41
CA ILE C 277 0.12 33.29 -41.93
C ILE C 277 -0.30 33.01 -43.36
N ASP C 278 -1.60 32.83 -43.58
CA ASP C 278 -2.10 32.41 -44.89
C ASP C 278 -3.07 33.48 -45.37
N GLN C 279 -2.76 34.09 -46.53
CA GLN C 279 -3.69 35.08 -47.10
C GLN C 279 -4.90 34.46 -47.81
N ASN C 280 -4.79 33.21 -48.29
CA ASN C 280 -5.89 32.57 -49.00
C ASN C 280 -7.16 32.40 -48.15
N GLN C 281 -8.28 32.98 -48.60
CA GLN C 281 -9.49 33.04 -47.76
C GLN C 281 -9.11 33.51 -46.37
N GLY C 282 -8.24 34.51 -46.30
CA GLY C 282 -7.66 34.96 -45.04
C GLY C 282 -7.75 36.46 -44.81
N PRO C 283 -6.87 37.02 -43.94
CA PRO C 283 -5.83 36.35 -43.18
C PRO C 283 -6.32 35.17 -42.34
N TYR C 284 -5.59 34.06 -42.40
CA TYR C 284 -5.95 32.86 -41.68
C TYR C 284 -4.64 32.50 -40.98
N ILE C 285 -4.64 32.63 -39.66
CA ILE C 285 -3.44 32.38 -38.87
C ILE C 285 -3.64 31.14 -38.02
N SER C 286 -2.68 30.23 -38.14
CA SER C 286 -2.79 28.94 -37.49
C SER C 286 -1.45 28.41 -36.97
N HIS C 287 -1.58 27.39 -36.08
CA HIS C 287 -0.43 26.66 -35.64
C HIS C 287 -0.94 25.37 -35.07
N GLY C 288 -0.09 24.36 -35.12
CA GLY C 288 -0.38 23.07 -34.55
C GLY C 288 0.62 22.74 -33.46
N GLY C 289 0.20 21.93 -32.51
CA GLY C 289 1.11 21.38 -31.52
C GLY C 289 1.04 19.87 -31.47
N GLN C 290 2.18 19.21 -31.57
CA GLN C 290 2.24 17.78 -31.37
C GLN C 290 3.40 17.37 -30.47
N ASN C 291 3.10 16.69 -29.38
CA ASN C 291 4.10 16.23 -28.44
C ASN C 291 3.92 14.73 -28.43
N PRO C 292 4.87 13.96 -27.93
CA PRO C 292 4.67 12.51 -28.02
C PRO C 292 3.28 12.04 -27.57
N ASN C 293 2.63 12.78 -26.66
CA ASN C 293 1.39 12.30 -25.99
C ASN C 293 0.26 13.37 -25.84
N PHE C 294 0.37 14.44 -26.62
CA PHE C 294 -0.65 15.49 -26.65
C PHE C 294 -0.62 16.05 -28.06
N SER C 295 -1.75 16.59 -28.51
CA SER C 295 -1.76 17.29 -29.80
C SER C 295 -2.79 18.41 -29.73
N SER C 296 -2.68 19.40 -30.61
CA SER C 296 -3.57 20.54 -30.45
C SER C 296 -3.55 21.33 -31.75
N CYS C 297 -4.55 22.19 -31.96
CA CYS C 297 -4.47 23.15 -33.05
C CYS C 297 -5.18 24.43 -32.64
N ILE C 298 -4.81 25.51 -33.32
CA ILE C 298 -5.47 26.79 -33.14
C ILE C 298 -5.47 27.54 -34.50
N ALA C 299 -6.51 28.31 -34.74
CA ALA C 299 -6.68 29.02 -35.99
C ALA C 299 -7.53 30.25 -35.69
N LEU C 300 -7.14 31.36 -36.32
CA LEU C 300 -7.89 32.62 -36.16
C LEU C 300 -8.14 33.20 -37.53
N ARG C 301 -9.37 33.62 -37.77
CA ARG C 301 -9.70 34.39 -38.96
C ARG C 301 -10.31 35.71 -38.47
N PRO C 302 -9.46 36.72 -38.31
CA PRO C 302 -9.86 37.96 -37.63
C PRO C 302 -11.06 38.64 -38.29
N ASP C 303 -11.15 38.60 -39.63
CA ASP C 303 -12.10 39.41 -40.36
C ASP C 303 -13.51 39.01 -40.00
N GLN C 304 -13.72 37.74 -39.65
CA GLN C 304 -15.02 37.28 -39.22
C GLN C 304 -15.03 37.02 -37.71
N GLN C 305 -14.02 37.54 -37.01
CA GLN C 305 -13.87 37.29 -35.58
C GLN C 305 -13.94 35.77 -35.27
N ILE C 306 -13.24 34.96 -36.04
CA ILE C 306 -13.32 33.53 -35.85
C ILE C 306 -12.11 33.11 -35.05
N GLY C 307 -12.30 32.29 -34.05
CA GLY C 307 -11.16 31.78 -33.23
C GLY C 307 -11.49 30.34 -32.86
N ILE C 308 -10.58 29.43 -33.17
CA ILE C 308 -10.83 28.01 -32.99
C ILE C 308 -9.63 27.41 -32.29
N VAL C 309 -9.87 26.62 -31.25
CA VAL C 309 -8.78 25.91 -30.61
C VAL C 309 -9.25 24.53 -30.22
N ALA C 310 -8.38 23.55 -30.40
CA ALA C 310 -8.67 22.19 -29.96
C ALA C 310 -7.46 21.68 -29.17
N LEU C 311 -7.73 20.87 -28.16
CA LEU C 311 -6.69 20.31 -27.27
C LEU C 311 -6.98 18.83 -26.99
N ALA C 312 -6.00 17.94 -27.14
CA ALA C 312 -6.32 16.50 -27.05
C ALA C 312 -5.15 15.82 -26.33
N ASN C 313 -5.44 14.75 -25.58
CA ASN C 313 -4.40 14.13 -24.75
C ASN C 313 -3.73 12.93 -25.42
N MET C 314 -3.68 12.93 -26.74
CA MET C 314 -3.07 11.84 -27.49
C MET C 314 -2.54 12.44 -28.79
N ASN C 315 -1.27 12.19 -29.09
CA ASN C 315 -0.72 12.63 -30.36
C ASN C 315 -1.59 12.13 -31.56
N SER C 316 -2.15 13.02 -32.35
CA SER C 316 -2.95 12.63 -33.48
C SER C 316 -2.86 13.58 -34.64
N ASN C 317 -2.48 13.04 -35.81
CA ASN C 317 -2.44 13.88 -37.02
C ASN C 317 -3.81 14.46 -37.35
N LEU C 318 -4.89 13.75 -37.03
CA LEU C 318 -6.25 14.29 -37.26
C LEU C 318 -6.53 15.54 -36.46
N ILE C 319 -5.97 15.63 -35.26
CA ILE C 319 -6.20 16.81 -34.44
C ILE C 319 -5.58 18.03 -35.14
N LEU C 320 -4.46 17.82 -35.81
CA LEU C 320 -3.82 18.98 -36.47
C LEU C 320 -4.66 19.57 -37.61
N GLN C 321 -5.51 18.73 -38.22
CA GLN C 321 -6.37 19.17 -39.30
C GLN C 321 -7.75 19.63 -38.76
N LEU C 322 -7.99 19.41 -37.46
CA LEU C 322 -9.35 19.64 -36.96
C LEU C 322 -9.76 21.13 -36.98
N CYS C 323 -8.83 22.04 -36.73
CA CYS C 323 -9.18 23.48 -36.80
C CYS C 323 -9.58 23.92 -38.21
N ALA C 324 -8.92 23.37 -39.23
CA ALA C 324 -9.25 23.66 -40.61
C ALA C 324 -10.59 23.05 -40.99
N ASP C 325 -10.87 21.82 -40.55
CA ASP C 325 -12.22 21.26 -40.75
C ASP C 325 -13.32 22.23 -40.22
N ILE C 326 -13.14 22.70 -38.99
CA ILE C 326 -14.13 23.57 -38.35
C ILE C 326 -14.20 24.88 -39.11
N ASP C 327 -13.05 25.40 -39.51
CA ASP C 327 -13.04 26.61 -40.32
C ASP C 327 -13.81 26.40 -41.65
N ASN C 328 -13.63 25.25 -42.31
CA ASN C 328 -14.41 24.99 -43.52
C ASN C 328 -15.92 25.06 -43.17
N TYR C 329 -16.27 24.43 -42.05
CA TYR C 329 -17.68 24.33 -41.70
C TYR C 329 -18.29 25.72 -41.52
N LEU C 330 -17.57 26.60 -40.84
CA LEU C 330 -17.99 27.98 -40.65
C LEU C 330 -17.95 28.78 -41.97
N ARG C 331 -16.97 28.52 -42.83
CA ARG C 331 -16.84 29.32 -44.07
C ARG C 331 -17.97 28.97 -45.06
N ILE C 332 -18.22 27.68 -45.25
CA ILE C 332 -19.10 27.25 -46.33
C ILE C 332 -20.08 26.16 -45.91
N GLY C 333 -20.14 25.78 -44.64
CA GLY C 333 -21.12 24.78 -44.19
C GLY C 333 -20.80 23.36 -44.64
N LYS C 334 -19.55 23.15 -45.02
CA LYS C 334 -19.12 21.85 -45.52
C LYS C 334 -17.73 21.54 -44.98
N TYR C 335 -17.39 20.26 -44.99
CA TYR C 335 -16.05 19.84 -44.62
C TYR C 335 -15.76 18.47 -45.23
#